data_6IKN
#
_entry.id   6IKN
#
_cell.length_a   53.264
_cell.length_b   87.281
_cell.length_c   88.793
_cell.angle_alpha   80.98
_cell.angle_beta   74.72
_cell.angle_gamma   79.73
#
_symmetry.space_group_name_H-M   'P 1'
#
_entity_poly.entity_id   1
_entity_poly.type   'polypeptide(L)'
_entity_poly.pdbx_seq_one_letter_code
;(MSE)NHKVHHHHHH(MSE)ELGTLEGSRKQSKENTITINCVTFPHPDT(MSE)PEQQLLKPTEWSYCDYFWADKKDPQG
NGTVAGFELLLQKQLKGKQ(MSE)QKE(MSE)SEFIRERIKIEEEYAKNLAKLSQNSLAAQEEGSLGEAWAQVKKSLADE
AEVHLKFSAKLHSEVEKPL(MSE)NFRENFKKD(MSE)KKCDHHIADLRKQLASRYASVEKARKALTERQKDLE(MSE)K
TQQLEIKLSNKTEEDIKKARRKSTQAGDDL(MSE)RCVDLYNQAQSKWFEE(MSE)VTTTLELERLEVERVE(MSE)IRQ
HLCQYTQLRHETD(MSE)FNQSTVEPVDQLLRKVDPAKDRELWVREHKTGNIRPVD(MSE)EI
;
_entity_poly.pdbx_strand_id   A,B,C,D
#
# COMPACT_ATOMS: atom_id res chain seq x y z
N GLU A 26 -22.06 21.54 41.80
CA GLU A 26 -20.91 20.78 41.32
C GLU A 26 -20.87 20.72 39.80
N ASN A 27 -20.09 21.61 39.20
CA ASN A 27 -20.12 21.78 37.76
C ASN A 27 -18.85 21.28 37.07
N THR A 28 -17.88 20.87 37.89
CA THR A 28 -16.68 20.21 37.41
C THR A 28 -16.69 18.76 37.90
N ILE A 29 -15.71 18.00 37.45
CA ILE A 29 -15.52 16.62 37.85
C ILE A 29 -14.02 16.33 37.89
N THR A 30 -13.59 15.54 38.86
CA THR A 30 -12.18 15.22 38.94
C THR A 30 -11.92 13.72 38.75
N ILE A 31 -11.12 13.39 37.76
CA ILE A 31 -10.71 12.01 37.54
C ILE A 31 -9.17 11.99 37.56
N ASN A 32 -8.62 11.14 38.42
CA ASN A 32 -7.19 10.99 38.54
C ASN A 32 -6.47 12.32 38.84
N CYS A 33 -7.05 13.08 39.75
CA CYS A 33 -6.47 14.33 40.25
C CYS A 33 -6.48 15.46 39.22
N VAL A 34 -7.09 15.23 38.07
CA VAL A 34 -7.21 16.27 37.05
C VAL A 34 -8.65 16.72 36.91
N THR A 35 -8.88 18.03 36.83
CA THR A 35 -10.24 18.55 36.79
C THR A 35 -10.69 18.90 35.38
N PHE A 36 -11.87 18.40 35.03
CA PHE A 36 -12.50 18.62 33.74
C PHE A 36 -13.89 19.15 33.98
N PRO A 37 -14.53 19.80 32.97
CA PRO A 37 -15.93 20.12 33.22
C PRO A 37 -16.73 18.86 33.57
N HIS A 38 -17.92 19.05 34.13
CA HIS A 38 -18.64 17.96 34.80
C HIS A 38 -18.98 16.67 34.00
N PRO A 39 -19.33 16.76 32.71
CA PRO A 39 -19.51 17.84 31.74
C PRO A 39 -20.55 18.87 32.18
N ASP A 40 -21.75 18.81 31.61
CA ASP A 40 -22.95 19.26 32.33
C ASP A 40 -23.99 18.12 32.37
N THR A 41 -24.84 17.85 31.35
CA THR A 41 -24.82 18.14 29.89
C THR A 41 -23.39 18.25 29.25
N PRO A 43 -20.29 21.87 28.53
CA PRO A 43 -20.11 23.23 28.01
C PRO A 43 -19.79 23.20 26.52
N GLU A 44 -18.52 23.41 26.19
CA GLU A 44 -18.04 23.42 24.81
C GLU A 44 -16.52 23.29 24.77
N GLN A 45 -15.85 24.44 24.79
CA GLN A 45 -14.39 24.57 24.76
C GLN A 45 -13.79 24.03 23.46
N GLN A 46 -13.01 24.90 22.81
CA GLN A 46 -12.41 24.60 21.52
C GLN A 46 -10.99 24.05 21.65
N LEU A 47 -10.61 23.21 20.68
CA LEU A 47 -9.30 22.56 20.66
C LEU A 47 -8.21 23.59 20.44
N LEU A 48 -6.99 23.28 20.90
CA LEU A 48 -5.85 24.17 20.71
C LEU A 48 -5.51 24.25 19.23
N LYS A 49 -5.62 23.10 18.57
CA LYS A 49 -5.34 22.95 17.15
C LYS A 49 -6.54 22.21 16.57
N PRO A 50 -7.64 22.94 16.32
CA PRO A 50 -8.94 22.36 15.97
C PRO A 50 -9.10 21.85 14.55
N THR A 51 -8.02 21.72 13.80
CA THR A 51 -8.07 21.06 12.49
C THR A 51 -7.22 19.79 12.48
N GLU A 52 -6.13 19.83 13.23
CA GLU A 52 -5.28 18.65 13.47
C GLU A 52 -5.78 17.75 14.59
N TRP A 53 -5.56 16.44 14.42
CA TRP A 53 -5.72 15.50 15.52
C TRP A 53 -4.40 15.48 16.30
N SER A 54 -4.12 16.56 17.01
CA SER A 54 -2.82 16.78 17.65
C SER A 54 -2.62 16.07 18.99
N TYR A 55 -1.37 15.88 19.38
CA TYR A 55 -1.03 15.34 20.70
C TYR A 55 -1.53 16.24 21.83
N CYS A 56 -1.54 17.55 21.57
CA CYS A 56 -1.85 18.53 22.60
C CYS A 56 -3.34 18.68 22.87
N ASP A 57 -4.17 17.95 22.14
CA ASP A 57 -5.61 18.11 22.28
C ASP A 57 -6.33 16.86 22.81
N TYR A 58 -5.69 15.70 22.69
CA TYR A 58 -6.39 14.44 22.92
C TYR A 58 -5.78 13.52 23.98
N PHE A 59 -4.91 14.04 24.83
CA PHE A 59 -4.28 13.17 25.83
C PHE A 59 -4.19 13.81 27.22
N TRP A 60 -5.31 14.39 27.66
CA TRP A 60 -5.37 14.96 29.01
C TRP A 60 -5.92 13.93 29.97
N ALA A 61 -7.04 13.32 29.59
CA ALA A 61 -7.64 12.23 30.35
C ALA A 61 -6.73 11.02 30.41
N ASP A 62 -6.87 10.22 31.45
CA ASP A 62 -6.14 8.97 31.57
C ASP A 62 -6.88 7.85 30.86
N LYS A 63 -6.14 6.87 30.33
CA LYS A 63 -6.80 5.74 29.68
C LYS A 63 -7.17 4.72 30.74
N LYS A 64 -8.44 4.35 30.76
CA LYS A 64 -8.95 3.36 31.69
C LYS A 64 -8.58 1.96 31.23
N ASP A 65 -8.10 1.14 32.15
CA ASP A 65 -7.87 -0.27 31.85
C ASP A 65 -9.19 -0.83 31.37
N PRO A 66 -9.16 -1.66 30.32
CA PRO A 66 -10.40 -2.18 29.73
C PRO A 66 -11.03 -3.23 30.64
N GLN A 67 -10.34 -3.54 31.73
CA GLN A 67 -10.77 -4.57 32.66
C GLN A 67 -10.81 -4.09 34.11
N GLY A 68 -9.65 -3.77 34.66
CA GLY A 68 -9.56 -3.34 36.05
C GLY A 68 -9.86 -1.89 36.36
N ASN A 69 -9.53 -1.50 37.59
CA ASN A 69 -9.73 -0.13 38.06
C ASN A 69 -8.45 0.67 37.94
N GLY A 70 -7.59 0.27 36.99
CA GLY A 70 -6.34 0.97 36.78
C GLY A 70 -6.32 1.88 35.57
N THR A 71 -5.49 2.91 35.65
CA THR A 71 -5.39 3.92 34.59
C THR A 71 -3.94 4.21 34.29
N VAL A 72 -3.68 4.68 33.07
CA VAL A 72 -2.35 5.17 32.73
C VAL A 72 -2.53 6.52 32.04
N ALA A 73 -1.60 7.44 32.27
CA ALA A 73 -1.68 8.78 31.67
C ALA A 73 -1.57 8.72 30.16
N GLY A 74 -2.24 9.66 29.49
CA GLY A 74 -2.16 9.77 28.04
C GLY A 74 -0.73 10.08 27.63
N PHE A 75 -0.07 10.88 28.46
CA PHE A 75 1.32 11.22 28.20
C PHE A 75 2.17 9.96 28.15
N GLU A 76 1.84 9.00 29.02
CA GLU A 76 2.54 7.73 29.02
C GLU A 76 2.32 7.00 27.70
N LEU A 77 1.13 7.15 27.12
CA LEU A 77 0.83 6.55 25.83
C LEU A 77 1.72 7.16 24.75
N LEU A 78 1.90 8.48 24.81
CA LEU A 78 2.80 9.15 23.87
C LEU A 78 4.25 8.64 24.02
N LEU A 79 4.72 8.58 25.27
CA LEU A 79 6.07 8.09 25.57
C LEU A 79 6.29 6.67 25.06
N GLN A 80 5.30 5.83 25.29
CA GLN A 80 5.33 4.45 24.81
C GLN A 80 5.40 4.41 23.30
N LYS A 81 4.72 5.35 22.66
CA LYS A 81 4.76 5.45 21.20
C LYS A 81 6.17 5.78 20.72
N GLN A 82 6.84 6.69 21.43
CA GLN A 82 8.23 7.04 21.13
C GLN A 82 9.15 5.82 21.26
N LEU A 83 9.04 5.14 22.40
CA LEU A 83 9.85 3.95 22.66
C LEU A 83 9.66 2.93 21.55
N LYS A 84 8.39 2.68 21.19
CA LYS A 84 8.09 1.78 20.10
C LYS A 84 8.76 2.21 18.82
N GLY A 85 8.77 3.52 18.56
CA GLY A 85 9.44 4.04 17.38
C GLY A 85 10.91 3.65 17.33
N LYS A 86 11.58 3.83 18.46
CA LYS A 86 13.02 3.50 18.52
C LYS A 86 13.26 2.01 18.35
N GLN A 87 12.42 1.21 19.02
CA GLN A 87 12.49 -0.24 18.88
C GLN A 87 12.36 -0.66 17.42
N GLN A 89 12.93 1.17 14.59
CA GLN A 89 14.07 1.48 13.73
C GLN A 89 15.22 0.51 14.02
N LYS A 90 15.35 0.09 15.28
CA LYS A 90 16.31 -0.96 15.61
C LYS A 90 16.05 -2.25 14.82
N GLU A 91 14.80 -2.72 14.86
CA GLU A 91 14.43 -3.95 14.17
C GLU A 91 14.64 -3.86 12.66
N SER A 93 16.93 -2.02 11.23
CA SER A 93 18.38 -2.13 11.11
C SER A 93 18.83 -3.60 11.10
N GLU A 94 18.31 -4.38 12.04
CA GLU A 94 18.63 -5.81 12.10
C GLU A 94 18.20 -6.58 10.84
N PHE A 95 17.00 -6.27 10.33
CA PHE A 95 16.54 -6.85 9.06
C PHE A 95 17.58 -6.62 7.97
N ILE A 96 18.05 -5.38 7.88
CA ILE A 96 19.09 -5.03 6.91
C ILE A 96 20.35 -5.84 7.17
N ARG A 97 20.69 -6.07 8.45
CA ARG A 97 21.84 -6.92 8.76
C ARG A 97 21.68 -8.30 8.13
N GLU A 98 20.48 -8.87 8.26
CA GLU A 98 20.20 -10.15 7.62
C GLU A 98 20.41 -10.10 6.11
N ARG A 99 19.87 -9.06 5.47
CA ARG A 99 20.08 -8.90 4.03
C ARG A 99 21.56 -8.88 3.66
N ILE A 100 22.34 -8.11 4.42
CA ILE A 100 23.79 -8.04 4.24
C ILE A 100 24.44 -9.43 4.32
N LYS A 101 24.08 -10.19 5.35
CA LYS A 101 24.60 -11.54 5.51
C LYS A 101 24.30 -12.42 4.29
N ILE A 102 23.06 -12.34 3.82
CA ILE A 102 22.63 -13.10 2.66
C ILE A 102 23.46 -12.75 1.42
N GLU A 103 23.57 -11.45 1.16
CA GLU A 103 24.33 -10.95 0.02
C GLU A 103 25.79 -11.40 0.09
N GLU A 104 26.35 -11.40 1.31
CA GLU A 104 27.73 -11.82 1.50
C GLU A 104 27.92 -13.30 1.22
N GLU A 105 26.96 -14.13 1.62
CA GLU A 105 27.05 -15.57 1.34
C GLU A 105 26.95 -15.81 -0.17
N TYR A 106 26.04 -15.08 -0.80
CA TYR A 106 25.85 -15.14 -2.24
C TYR A 106 27.14 -14.79 -2.98
N ALA A 107 27.75 -13.69 -2.58
CA ALA A 107 29.00 -13.22 -3.16
C ALA A 107 30.12 -14.23 -2.98
N LYS A 108 30.23 -14.79 -1.77
CA LYS A 108 31.23 -15.83 -1.51
C LYS A 108 31.07 -16.99 -2.49
N ASN A 109 29.87 -17.53 -2.57
CA ASN A 109 29.59 -18.65 -3.47
C ASN A 109 29.93 -18.33 -4.93
N LEU A 110 29.49 -17.16 -5.38
CA LEU A 110 29.74 -16.72 -6.74
C LEU A 110 31.24 -16.63 -7.01
N ALA A 111 31.97 -16.13 -6.03
CA ALA A 111 33.42 -16.00 -6.14
C ALA A 111 34.08 -17.35 -6.25
N LYS A 112 33.71 -18.29 -5.38
CA LYS A 112 34.30 -19.63 -5.44
C LYS A 112 34.00 -20.33 -6.77
N LEU A 113 32.78 -20.17 -7.27
CA LEU A 113 32.44 -20.82 -8.53
C LEU A 113 33.22 -20.17 -9.67
N SER A 114 33.47 -18.87 -9.56
CA SER A 114 34.24 -18.16 -10.58
C SER A 114 35.68 -18.68 -10.67
N GLN A 115 36.16 -19.25 -9.58
CA GLN A 115 37.50 -19.83 -9.55
C GLN A 115 37.56 -21.28 -10.04
N ASN A 116 36.41 -21.84 -10.40
CA ASN A 116 36.35 -23.23 -10.82
C ASN A 116 37.12 -23.48 -12.13
N SER A 117 37.75 -24.64 -12.22
CA SER A 117 38.59 -24.98 -13.38
C SER A 117 37.88 -25.88 -14.38
N LEU A 118 36.55 -25.94 -14.31
CA LEU A 118 35.78 -26.76 -15.25
C LEU A 118 35.93 -26.24 -16.66
N ALA A 119 36.17 -27.16 -17.59
CA ALA A 119 36.32 -26.86 -19.02
C ALA A 119 37.46 -25.87 -19.27
N ALA A 120 38.46 -25.87 -18.39
CA ALA A 120 39.60 -24.98 -18.52
C ALA A 120 40.47 -25.40 -19.70
N GLN A 121 40.27 -26.62 -20.16
CA GLN A 121 41.11 -27.17 -21.22
C GLN A 121 40.50 -26.92 -22.58
N GLU A 122 39.37 -26.20 -22.60
CA GLU A 122 38.81 -25.71 -23.86
C GLU A 122 39.72 -24.59 -24.33
N GLU A 123 40.22 -24.69 -25.56
CA GLU A 123 41.20 -23.71 -26.03
C GLU A 123 40.69 -22.88 -27.20
N GLY A 124 41.44 -21.82 -27.53
CA GLY A 124 41.06 -20.93 -28.60
C GLY A 124 40.11 -19.84 -28.15
N SER A 125 39.46 -19.19 -29.12
CA SER A 125 38.54 -18.10 -28.84
C SER A 125 37.34 -18.58 -28.02
N LEU A 126 36.93 -19.83 -28.25
CA LEU A 126 35.87 -20.43 -27.46
C LEU A 126 36.31 -20.54 -26.00
N GLY A 127 37.51 -21.06 -25.80
CA GLY A 127 38.09 -21.16 -24.47
C GLY A 127 38.19 -19.82 -23.77
N GLU A 128 38.57 -18.79 -24.51
CA GLU A 128 38.69 -17.45 -23.94
C GLU A 128 37.33 -16.88 -23.54
N ALA A 129 36.34 -17.07 -24.41
CA ALA A 129 34.99 -16.60 -24.15
C ALA A 129 34.45 -17.30 -22.90
N TRP A 130 34.74 -18.59 -22.79
CA TRP A 130 34.38 -19.38 -21.63
C TRP A 130 35.04 -18.83 -20.36
N ALA A 131 36.34 -18.58 -20.44
CA ALA A 131 37.08 -17.97 -19.34
C ALA A 131 36.41 -16.68 -18.86
N GLN A 132 35.98 -15.85 -19.81
CA GLN A 132 35.34 -14.59 -19.44
C GLN A 132 33.98 -14.86 -18.81
N VAL A 133 33.32 -15.92 -19.26
CA VAL A 133 32.06 -16.35 -18.65
C VAL A 133 32.30 -16.61 -17.17
N LYS A 134 33.35 -17.37 -16.86
CA LYS A 134 33.69 -17.65 -15.47
C LYS A 134 34.06 -16.39 -14.67
N LYS A 135 34.89 -15.54 -15.26
CA LYS A 135 35.34 -14.31 -14.60
C LYS A 135 34.18 -13.35 -14.25
N SER A 136 33.19 -13.33 -15.11
CA SER A 136 32.02 -12.46 -14.91
C SER A 136 31.30 -12.77 -13.59
N LEU A 137 31.35 -14.04 -13.19
CA LEU A 137 30.81 -14.44 -11.88
C LEU A 137 31.52 -13.71 -10.74
N ALA A 138 32.85 -13.68 -10.80
CA ALA A 138 33.67 -12.95 -9.84
C ALA A 138 33.30 -11.48 -9.84
N ASP A 139 33.06 -10.95 -11.03
CA ASP A 139 32.67 -9.55 -11.16
C ASP A 139 31.34 -9.27 -10.45
N GLU A 140 30.37 -10.16 -10.66
CA GLU A 140 29.10 -10.09 -9.96
C GLU A 140 29.32 -10.10 -8.46
N ALA A 141 30.21 -10.99 -8.02
CA ALA A 141 30.56 -11.11 -6.61
C ALA A 141 31.02 -9.76 -6.08
N GLU A 142 31.90 -9.10 -6.82
CA GLU A 142 32.39 -7.79 -6.43
C GLU A 142 31.23 -6.80 -6.30
N VAL A 143 30.33 -6.83 -7.28
CA VAL A 143 29.16 -5.93 -7.27
C VAL A 143 28.28 -6.10 -6.03
N HIS A 144 27.89 -7.35 -5.75
CA HIS A 144 27.01 -7.66 -4.63
C HIS A 144 27.69 -7.42 -3.28
N LEU A 145 28.98 -7.72 -3.19
CA LEU A 145 29.74 -7.45 -1.98
C LEU A 145 29.74 -5.95 -1.69
N LYS A 146 30.05 -5.16 -2.72
CA LYS A 146 30.03 -3.72 -2.62
C LYS A 146 28.64 -3.22 -2.21
N PHE A 147 27.62 -3.88 -2.75
CA PHE A 147 26.23 -3.61 -2.39
C PHE A 147 25.99 -3.78 -0.89
N SER A 148 26.44 -4.90 -0.36
CA SER A 148 26.23 -5.19 1.06
C SER A 148 26.99 -4.21 1.94
N ALA A 149 28.21 -3.88 1.52
CA ALA A 149 29.01 -2.89 2.24
C ALA A 149 28.28 -1.55 2.33
N LYS A 150 27.74 -1.09 1.19
CA LYS A 150 27.00 0.16 1.18
C LYS A 150 25.69 0.06 1.97
N LEU A 151 25.07 -1.11 1.98
CA LEU A 151 23.94 -1.35 2.88
C LEU A 151 24.34 -1.09 4.33
N HIS A 152 25.49 -1.61 4.72
CA HIS A 152 25.99 -1.41 6.08
C HIS A 152 26.22 0.06 6.37
N SER A 153 27.00 0.72 5.51
CA SER A 153 27.39 2.11 5.72
C SER A 153 26.25 3.12 5.66
N GLU A 154 25.37 2.97 4.69
CA GLU A 154 24.38 3.99 4.39
C GLU A 154 22.96 3.69 4.88
N VAL A 155 22.73 2.49 5.40
CA VAL A 155 21.38 2.12 5.82
C VAL A 155 21.29 1.51 7.21
N GLU A 156 22.02 0.43 7.46
CA GLU A 156 21.92 -0.28 8.73
C GLU A 156 22.40 0.56 9.91
N LYS A 157 23.64 1.04 9.82
CA LYS A 157 24.24 1.81 10.90
C LYS A 157 23.48 3.11 11.19
N PRO A 158 23.10 3.89 10.15
CA PRO A 158 22.31 5.09 10.45
C PRO A 158 21.00 4.79 11.17
N LEU A 159 20.31 3.74 10.74
CA LEU A 159 19.06 3.32 11.39
C LEU A 159 19.32 2.98 12.86
N ASN A 161 22.01 3.72 14.79
CA ASN A 161 22.70 4.73 15.57
C ASN A 161 21.98 6.09 15.61
N PHE A 162 20.70 6.10 15.28
CA PHE A 162 19.91 7.33 15.31
C PHE A 162 19.35 7.58 16.70
N ARG A 163 19.77 8.68 17.32
CA ARG A 163 19.32 9.05 18.66
C ARG A 163 19.66 7.94 19.64
N GLU A 164 20.94 7.80 19.97
CA GLU A 164 21.41 6.69 20.80
C GLU A 164 20.89 6.77 22.24
N ASN A 165 20.86 7.96 22.82
CA ASN A 165 20.46 8.10 24.20
C ASN A 165 18.97 8.40 24.34
N PHE A 166 18.24 8.19 23.24
CA PHE A 166 16.81 8.47 23.21
C PHE A 166 16.10 7.67 24.29
N LYS A 167 16.59 6.45 24.54
CA LYS A 167 16.02 5.56 25.54
C LYS A 167 15.93 6.25 26.89
N LYS A 168 16.96 7.03 27.20
CA LYS A 168 17.04 7.71 28.49
C LYS A 168 16.49 9.12 28.36
N ASP A 169 16.57 9.68 27.14
CA ASP A 169 16.08 11.02 26.89
C ASP A 169 14.59 11.11 27.16
N LYS A 171 13.14 8.86 29.23
CA LYS A 171 12.99 8.50 30.64
C LYS A 171 12.99 9.76 31.49
N LYS A 172 13.98 10.61 31.24
CA LYS A 172 14.08 11.90 31.89
C LYS A 172 12.78 12.66 31.66
N CYS A 173 12.39 12.75 30.39
CA CYS A 173 11.15 13.42 30.01
C CYS A 173 9.99 12.90 30.84
N ASP A 174 9.90 11.57 30.95
CA ASP A 174 8.83 10.96 31.73
C ASP A 174 8.80 11.58 33.11
N HIS A 175 9.93 11.49 33.80
CA HIS A 175 10.03 11.96 35.18
C HIS A 175 9.52 13.38 35.27
N HIS A 176 9.89 14.17 34.27
CA HIS A 176 9.50 15.57 34.26
C HIS A 176 8.00 15.69 34.46
N ILE A 177 7.24 15.23 33.46
CA ILE A 177 5.79 15.35 33.56
C ILE A 177 5.32 14.62 34.80
N ALA A 178 5.93 13.45 35.03
CA ALA A 178 5.52 12.61 36.14
C ALA A 178 5.63 13.37 37.44
N ASP A 179 6.75 14.09 37.60
CA ASP A 179 6.98 14.79 38.84
C ASP A 179 5.89 15.82 39.05
N LEU A 180 5.54 16.52 37.99
CA LEU A 180 4.49 17.53 38.06
C LEU A 180 3.20 16.89 38.53
N ARG A 181 2.87 15.74 37.93
CA ARG A 181 1.63 15.07 38.29
C ARG A 181 1.64 14.67 39.75
N LYS A 182 2.80 14.27 40.25
CA LYS A 182 2.91 13.92 41.66
C LYS A 182 2.49 15.10 42.50
N GLN A 183 3.07 16.26 42.18
CA GLN A 183 2.76 17.47 42.90
C GLN A 183 1.27 17.71 42.85
N LEU A 184 0.69 17.54 41.67
CA LEU A 184 -0.74 17.76 41.50
C LEU A 184 -1.52 16.89 42.46
N ALA A 185 -1.15 15.61 42.49
CA ALA A 185 -1.83 14.67 43.37
C ALA A 185 -1.74 15.15 44.80
N SER A 186 -0.54 15.56 45.20
CA SER A 186 -0.32 16.07 46.53
C SER A 186 -1.30 17.20 46.83
N ARG A 187 -1.37 18.16 45.91
CA ARG A 187 -2.24 19.30 46.10
C ARG A 187 -3.68 18.84 46.28
N TYR A 188 -4.09 17.90 45.42
CA TYR A 188 -5.45 17.41 45.46
C TYR A 188 -5.74 16.83 46.82
N ALA A 189 -4.79 16.05 47.33
CA ALA A 189 -4.94 15.44 48.64
C ALA A 189 -5.24 16.50 49.67
N SER A 190 -4.42 17.54 49.66
CA SER A 190 -4.57 18.62 50.62
C SER A 190 -5.98 19.18 50.56
N VAL A 191 -6.45 19.41 49.33
CA VAL A 191 -7.76 19.98 49.14
C VAL A 191 -8.81 19.11 49.80
N GLU A 192 -8.73 17.81 49.54
CA GLU A 192 -9.72 16.90 50.09
C GLU A 192 -9.64 16.94 51.61
N LYS A 193 -8.41 16.93 52.11
CA LYS A 193 -8.19 17.00 53.55
C LYS A 193 -8.87 18.25 54.11
N ALA A 194 -8.70 19.36 53.40
CA ALA A 194 -9.26 20.62 53.86
C ALA A 194 -10.77 20.51 53.94
N ARG A 195 -11.37 19.90 52.94
CA ARG A 195 -12.82 19.76 52.93
C ARG A 195 -13.27 19.00 54.15
N LYS A 196 -12.52 17.94 54.49
CA LYS A 196 -12.82 17.16 55.67
C LYS A 196 -12.90 18.13 56.84
N ALA A 197 -11.80 18.84 57.05
CA ALA A 197 -11.68 19.78 58.15
C ALA A 197 -12.83 20.75 58.15
N LEU A 198 -13.22 21.20 56.96
CA LEU A 198 -14.30 22.17 56.87
C LEU A 198 -15.62 21.55 57.33
N THR A 199 -15.98 20.41 56.72
CA THR A 199 -17.28 19.80 56.98
C THR A 199 -17.42 19.43 58.44
N GLU A 200 -16.31 19.01 59.03
CA GLU A 200 -16.28 18.70 60.44
C GLU A 200 -16.60 19.94 61.25
N ARG A 201 -15.85 21.01 61.01
CA ARG A 201 -15.99 22.23 61.79
C ARG A 201 -17.39 22.80 61.69
N GLN A 202 -17.93 22.78 60.47
CA GLN A 202 -19.29 23.27 60.26
C GLN A 202 -20.23 22.50 61.16
N LYS A 203 -20.14 21.17 61.12
CA LYS A 203 -20.99 20.35 61.95
C LYS A 203 -20.74 20.67 63.41
N ASP A 204 -19.47 20.85 63.75
CA ASP A 204 -19.08 21.10 65.13
C ASP A 204 -19.75 22.39 65.60
N LEU A 205 -19.91 23.34 64.68
CA LEU A 205 -20.62 24.57 65.01
C LEU A 205 -22.13 24.33 65.00
N GLU A 206 -22.60 23.65 63.96
CA GLU A 206 -24.03 23.42 63.76
C GLU A 206 -24.64 22.57 64.88
N LYS A 208 -23.26 22.63 68.20
CA LYS A 208 -23.05 23.25 69.50
C LYS A 208 -24.10 24.31 69.77
N THR A 209 -24.72 24.80 68.70
CA THR A 209 -25.84 25.72 68.84
C THR A 209 -27.04 24.95 69.38
N GLN A 210 -27.02 23.64 69.17
CA GLN A 210 -28.05 22.75 69.70
C GLN A 210 -27.91 22.61 71.20
N GLN A 211 -26.66 22.54 71.68
CA GLN A 211 -26.39 22.42 73.11
C GLN A 211 -26.87 23.65 73.88
N LEU A 212 -26.76 24.80 73.23
CA LEU A 212 -27.23 26.06 73.78
C LEU A 212 -28.75 26.16 73.65
N GLU A 213 -29.29 25.53 72.61
CA GLU A 213 -30.72 25.49 72.41
C GLU A 213 -31.45 24.62 73.44
N ILE A 214 -30.78 23.59 73.94
CA ILE A 214 -31.41 22.73 74.94
C ILE A 214 -31.05 23.13 76.38
N LYS A 215 -29.76 23.19 76.70
CA LYS A 215 -29.33 23.60 78.04
C LYS A 215 -28.21 24.63 77.93
N LEU A 216 -28.58 25.88 77.68
CA LEU A 216 -27.62 26.96 77.64
C LEU A 216 -26.92 27.20 78.99
N SER A 217 -25.62 27.50 78.90
CA SER A 217 -24.77 27.68 80.06
C SER A 217 -23.66 28.68 79.73
N ASN A 218 -22.70 28.83 80.64
CA ASN A 218 -21.69 29.87 80.50
C ASN A 218 -20.42 29.53 79.71
N LYS A 219 -20.05 28.25 79.67
CA LYS A 219 -18.90 27.80 78.89
C LYS A 219 -19.24 27.48 77.43
N THR A 220 -20.52 27.15 77.19
CA THR A 220 -20.96 26.70 75.89
C THR A 220 -20.90 27.84 74.88
N GLU A 221 -21.21 29.06 75.31
CA GLU A 221 -21.16 30.20 74.41
C GLU A 221 -19.73 30.41 73.90
N GLU A 222 -18.76 30.22 74.78
CA GLU A 222 -17.36 30.38 74.39
C GLU A 222 -16.91 29.21 73.52
N ASP A 223 -17.56 28.05 73.69
CA ASP A 223 -17.27 26.92 72.81
C ASP A 223 -17.84 27.14 71.41
N ILE A 224 -18.94 27.89 71.32
CA ILE A 224 -19.54 28.24 70.05
C ILE A 224 -18.71 29.33 69.37
N LYS A 225 -18.09 30.17 70.19
CA LYS A 225 -17.22 31.22 69.69
C LYS A 225 -15.95 30.61 69.10
N LYS A 226 -15.36 29.67 69.84
CA LYS A 226 -14.21 28.91 69.37
C LYS A 226 -14.55 28.15 68.07
N ALA A 227 -15.74 27.57 68.07
CA ALA A 227 -16.20 26.77 66.93
C ALA A 227 -16.37 27.61 65.66
N ARG A 228 -17.01 28.76 65.78
CA ARG A 228 -17.18 29.66 64.64
C ARG A 228 -15.83 30.15 64.11
N ARG A 229 -14.95 30.58 65.02
CA ARG A 229 -13.60 31.00 64.64
C ARG A 229 -12.91 29.93 63.80
N LYS A 230 -12.73 28.75 64.40
CA LYS A 230 -12.06 27.65 63.74
C LYS A 230 -12.75 27.26 62.44
N SER A 231 -14.07 27.45 62.38
CA SER A 231 -14.84 27.10 61.18
C SER A 231 -14.48 28.01 60.01
N THR A 232 -14.56 29.33 60.21
CA THR A 232 -14.20 30.25 59.13
C THR A 232 -12.74 30.08 58.75
N GLN A 233 -11.90 29.80 59.74
CA GLN A 233 -10.49 29.55 59.48
C GLN A 233 -10.30 28.34 58.56
N ALA A 234 -11.04 27.27 58.86
CA ALA A 234 -11.02 26.07 58.03
C ALA A 234 -11.48 26.34 56.61
N GLY A 235 -12.48 27.22 56.48
CA GLY A 235 -12.96 27.61 55.16
C GLY A 235 -11.89 28.35 54.37
N ASP A 236 -11.14 29.20 55.06
CA ASP A 236 -10.08 29.95 54.41
C ASP A 236 -8.98 29.00 53.96
N ASP A 237 -8.69 28.02 54.80
CA ASP A 237 -7.73 26.97 54.48
C ASP A 237 -8.15 26.24 53.21
N LEU A 238 -9.44 25.91 53.12
CA LEU A 238 -9.96 25.29 51.91
C LEU A 238 -9.71 26.15 50.67
N ARG A 240 -7.58 28.51 50.08
CA ARG A 240 -6.14 28.51 49.82
C ARG A 240 -5.67 27.23 49.11
N CYS A 241 -6.02 26.08 49.70
CA CYS A 241 -5.64 24.78 49.13
C CYS A 241 -6.13 24.65 47.69
N VAL A 242 -7.34 25.14 47.43
CA VAL A 242 -7.90 25.11 46.09
C VAL A 242 -7.04 25.95 45.14
N ASP A 243 -6.63 27.12 45.63
CA ASP A 243 -5.76 27.98 44.83
C ASP A 243 -4.46 27.28 44.46
N LEU A 244 -3.81 26.65 45.43
CA LEU A 244 -2.54 25.99 45.16
C LEU A 244 -2.71 24.79 44.22
N TYR A 245 -3.84 24.12 44.34
CA TYR A 245 -4.15 23.03 43.42
C TYR A 245 -4.23 23.55 42.00
N ASN A 246 -5.05 24.59 41.79
CA ASN A 246 -5.18 25.19 40.47
C ASN A 246 -3.84 25.65 39.90
N GLN A 247 -2.98 26.20 40.76
CA GLN A 247 -1.65 26.62 40.32
C GLN A 247 -0.83 25.44 39.80
N ALA A 248 -0.78 24.37 40.60
CA ALA A 248 -0.07 23.16 40.21
C ALA A 248 -0.58 22.62 38.88
N GLN A 249 -1.90 22.59 38.73
CA GLN A 249 -2.51 22.08 37.52
C GLN A 249 -2.20 22.95 36.31
N SER A 250 -2.05 24.26 36.51
CA SER A 250 -1.72 25.16 35.41
C SER A 250 -0.28 24.95 34.95
N LYS A 251 0.62 24.75 35.92
CA LYS A 251 2.01 24.46 35.60
C LYS A 251 2.11 23.17 34.78
N TRP A 252 1.50 22.12 35.32
CA TRP A 252 1.40 20.84 34.64
C TRP A 252 0.85 21.01 33.24
N PHE A 253 -0.14 21.88 33.10
CA PHE A 253 -0.79 22.10 31.81
C PHE A 253 0.16 22.68 30.77
N GLU A 254 0.74 23.85 31.06
CA GLU A 254 1.63 24.48 30.09
C GLU A 254 2.80 23.58 29.72
N GLU A 255 3.42 22.99 30.74
CA GLU A 255 4.56 22.12 30.49
C GLU A 255 4.15 20.92 29.62
N VAL A 257 1.76 20.87 27.42
CA VAL A 257 1.58 21.36 26.05
C VAL A 257 2.91 21.41 25.30
N THR A 258 3.87 22.15 25.84
CA THR A 258 5.14 22.31 25.14
C THR A 258 5.81 20.95 24.88
N THR A 259 5.76 20.08 25.89
CA THR A 259 6.42 18.78 25.80
C THR A 259 5.77 17.88 24.74
N THR A 260 4.45 17.86 24.70
CA THR A 260 3.73 17.05 23.71
C THR A 260 4.01 17.54 22.30
N LEU A 261 4.14 18.87 22.14
CA LEU A 261 4.51 19.40 20.84
C LEU A 261 5.91 18.93 20.45
N GLU A 262 6.81 18.91 21.42
CA GLU A 262 8.15 18.37 21.19
C GLU A 262 8.12 16.91 20.72
N LEU A 263 7.38 16.05 21.41
CA LEU A 263 7.30 14.65 20.99
C LEU A 263 6.72 14.51 19.58
N GLU A 264 5.74 15.36 19.27
CA GLU A 264 5.16 15.38 17.93
C GLU A 264 6.24 15.66 16.88
N ARG A 265 7.02 16.71 17.12
CA ARG A 265 8.14 17.06 16.24
C ARG A 265 9.13 15.91 16.07
N LEU A 266 9.51 15.29 17.19
CA LEU A 266 10.46 14.18 17.18
C LEU A 266 9.98 12.99 16.36
N GLU A 267 8.71 12.64 16.53
CA GLU A 267 8.13 11.55 15.77
C GLU A 267 8.19 11.87 14.27
N VAL A 268 7.85 13.12 13.94
CA VAL A 268 7.93 13.55 12.55
C VAL A 268 9.34 13.35 11.98
N GLU A 269 10.35 13.85 12.68
CA GLU A 269 11.71 13.77 12.15
C GLU A 269 12.21 12.32 12.08
N ARG A 270 11.74 11.48 12.99
CA ARG A 270 12.02 10.05 12.92
C ARG A 270 11.50 9.45 11.63
N VAL A 271 10.21 9.64 11.38
CA VAL A 271 9.59 9.13 10.16
C VAL A 271 10.32 9.61 8.91
N GLU A 272 10.68 10.90 8.91
CA GLU A 272 11.39 11.46 7.77
C GLU A 272 12.75 10.81 7.53
N ILE A 274 13.70 7.82 8.48
CA ILE A 274 13.47 6.44 8.08
C ILE A 274 13.14 6.36 6.58
N ARG A 275 12.23 7.24 6.15
CA ARG A 275 11.89 7.35 4.74
C ARG A 275 13.14 7.62 3.90
N GLN A 276 13.96 8.55 4.38
CA GLN A 276 15.22 8.89 3.70
C GLN A 276 16.10 7.66 3.46
N HIS A 277 16.35 6.90 4.52
CA HIS A 277 17.28 5.78 4.41
C HIS A 277 16.70 4.59 3.65
N LEU A 278 15.37 4.46 3.65
CA LEU A 278 14.75 3.43 2.83
C LEU A 278 14.85 3.81 1.35
N CYS A 279 14.74 5.11 1.06
CA CYS A 279 14.98 5.59 -0.29
C CYS A 279 16.42 5.29 -0.71
N GLN A 280 17.35 5.44 0.24
CA GLN A 280 18.74 5.08 0.01
C GLN A 280 18.86 3.60 -0.38
N TYR A 281 18.20 2.75 0.41
CA TYR A 281 18.12 1.32 0.11
C TYR A 281 17.67 1.08 -1.34
N THR A 282 16.61 1.77 -1.73
CA THR A 282 16.08 1.65 -3.09
C THR A 282 17.14 2.02 -4.14
N GLN A 283 17.82 3.13 -3.91
CA GLN A 283 18.86 3.58 -4.84
C GLN A 283 19.95 2.53 -4.99
N LEU A 284 20.39 1.98 -3.86
CA LEU A 284 21.41 0.95 -3.86
C LEU A 284 20.96 -0.27 -4.66
N ARG A 285 19.69 -0.65 -4.47
CA ARG A 285 19.11 -1.76 -5.23
C ARG A 285 19.23 -1.52 -6.74
N HIS A 286 18.75 -0.35 -7.17
CA HIS A 286 18.79 0.03 -8.57
C HIS A 286 20.19 -0.02 -9.18
N GLU A 287 21.12 0.70 -8.56
CA GLU A 287 22.46 0.80 -9.13
C GLU A 287 23.18 -0.53 -9.06
N THR A 288 22.84 -1.35 -8.06
CA THR A 288 23.45 -2.67 -7.94
C THR A 288 22.99 -3.56 -9.08
N ASP A 289 21.71 -3.47 -9.44
CA ASP A 289 21.23 -4.27 -10.56
C ASP A 289 21.77 -3.77 -11.89
N PHE A 291 24.90 -2.18 -12.34
CA PHE A 291 26.27 -2.69 -12.31
C PHE A 291 26.30 -4.19 -12.61
N ASN A 292 25.39 -4.93 -11.99
CA ASN A 292 25.32 -6.36 -12.21
C ASN A 292 25.04 -6.69 -13.67
N GLN A 293 24.09 -5.98 -14.26
CA GLN A 293 23.77 -6.19 -15.68
C GLN A 293 24.97 -5.92 -16.57
N SER A 294 25.79 -4.95 -16.19
CA SER A 294 26.92 -4.56 -17.03
C SER A 294 28.07 -5.58 -17.08
N THR A 295 27.97 -6.65 -16.30
CA THR A 295 29.07 -7.61 -16.20
C THR A 295 29.10 -8.68 -17.29
N VAL A 296 28.00 -8.80 -18.03
CA VAL A 296 27.93 -9.80 -19.10
C VAL A 296 28.32 -9.19 -20.45
N GLU A 297 28.42 -7.87 -20.50
CA GLU A 297 28.84 -7.17 -21.71
C GLU A 297 30.23 -7.58 -22.23
N PRO A 298 31.23 -7.75 -21.34
CA PRO A 298 32.52 -8.28 -21.83
C PRO A 298 32.38 -9.69 -22.39
N VAL A 299 31.60 -10.51 -21.72
CA VAL A 299 31.34 -11.88 -22.16
C VAL A 299 30.73 -11.85 -23.55
N ASP A 300 29.76 -10.97 -23.75
CA ASP A 300 29.13 -10.79 -25.06
C ASP A 300 30.18 -10.38 -26.10
N GLN A 301 31.05 -9.45 -25.73
CA GLN A 301 32.10 -8.94 -26.62
C GLN A 301 33.03 -10.05 -27.09
N LEU A 302 33.42 -10.95 -26.18
CA LEU A 302 34.29 -12.06 -26.56
C LEU A 302 33.54 -13.14 -27.32
N LEU A 303 32.28 -13.33 -26.96
CA LEU A 303 31.41 -14.31 -27.58
C LEU A 303 31.16 -13.98 -29.04
N ARG A 304 31.12 -12.70 -29.37
CA ARG A 304 30.99 -12.30 -30.77
C ARG A 304 32.26 -12.62 -31.56
N LYS A 305 33.40 -12.61 -30.86
CA LYS A 305 34.70 -12.81 -31.49
C LYS A 305 35.09 -14.29 -31.68
N VAL A 306 34.20 -15.22 -31.33
CA VAL A 306 34.50 -16.64 -31.47
C VAL A 306 34.48 -17.10 -32.93
N ASP A 307 35.59 -17.69 -33.38
CA ASP A 307 35.69 -18.14 -34.76
C ASP A 307 36.19 -19.58 -34.83
N PRO A 308 35.31 -20.49 -35.28
CA PRO A 308 35.61 -21.92 -35.45
C PRO A 308 36.77 -22.18 -36.42
N ALA A 309 36.80 -21.47 -37.54
CA ALA A 309 37.86 -21.66 -38.53
C ALA A 309 39.23 -21.30 -37.97
N LYS A 310 39.33 -20.13 -37.33
CA LYS A 310 40.58 -19.69 -36.72
C LYS A 310 41.01 -20.62 -35.60
N ASP A 311 40.04 -21.05 -34.80
CA ASP A 311 40.26 -22.01 -33.73
C ASP A 311 40.90 -23.27 -34.30
N ARG A 312 40.25 -23.82 -35.33
CA ARG A 312 40.75 -25.00 -36.02
C ARG A 312 42.16 -24.78 -36.50
N GLU A 313 42.43 -23.63 -37.10
CA GLU A 313 43.78 -23.33 -37.58
C GLU A 313 44.79 -23.39 -36.44
N LEU A 314 44.40 -22.84 -35.29
CA LEU A 314 45.25 -22.84 -34.11
C LEU A 314 45.57 -24.25 -33.67
N TRP A 315 44.55 -25.10 -33.63
CA TRP A 315 44.72 -26.49 -33.18
C TRP A 315 45.51 -27.37 -34.17
N VAL A 316 45.14 -27.26 -35.45
CA VAL A 316 45.74 -28.06 -36.52
C VAL A 316 47.20 -27.69 -36.71
N ARG A 317 47.52 -26.41 -36.55
CA ARG A 317 48.90 -25.97 -36.66
C ARG A 317 49.78 -26.69 -35.63
N GLU A 318 49.20 -26.97 -34.46
CA GLU A 318 49.93 -27.63 -33.39
C GLU A 318 49.83 -29.17 -33.41
N HIS A 319 48.84 -29.72 -34.09
CA HIS A 319 48.62 -31.17 -33.99
C HIS A 319 48.67 -31.92 -35.32
N LYS A 320 49.03 -31.23 -36.40
CA LYS A 320 49.18 -31.89 -37.69
C LYS A 320 50.29 -32.94 -37.64
N THR A 321 50.12 -34.03 -38.40
CA THR A 321 51.14 -35.06 -38.51
C THR A 321 51.91 -34.94 -39.82
N GLY A 322 51.34 -34.18 -40.75
CA GLY A 322 51.95 -33.95 -42.05
C GLY A 322 50.91 -33.72 -43.13
N ASN A 323 51.30 -33.00 -44.17
CA ASN A 323 50.35 -32.58 -45.20
C ASN A 323 50.57 -33.25 -46.55
N ILE A 324 51.28 -34.36 -46.56
CA ILE A 324 51.53 -35.06 -47.81
C ILE A 324 50.52 -36.18 -47.98
N ARG A 325 49.93 -36.25 -49.16
CA ARG A 325 48.92 -37.26 -49.46
C ARG A 325 49.55 -38.53 -50.01
N PRO A 326 48.86 -39.67 -49.83
CA PRO A 326 49.35 -40.93 -50.40
C PRO A 326 49.34 -40.92 -51.91
N VAL A 327 50.13 -41.81 -52.50
CA VAL A 327 50.17 -41.97 -53.95
C VAL A 327 50.16 -43.45 -54.29
N ASP A 328 50.16 -43.76 -55.58
CA ASP A 328 50.10 -45.16 -56.01
C ASP A 328 51.49 -45.79 -55.90
N GLU A 330 54.62 -47.59 -57.12
CA GLU A 330 55.28 -47.52 -58.42
C GLU A 330 54.67 -46.44 -59.30
N ASN B 27 62.10 -43.37 -55.25
CA ASN B 27 60.90 -43.25 -56.07
C ASN B 27 59.70 -42.89 -55.20
N THR B 28 59.04 -43.91 -54.63
CA THR B 28 58.04 -43.70 -53.59
C THR B 28 58.55 -44.34 -52.31
N ILE B 29 57.82 -44.21 -51.22
CA ILE B 29 58.23 -44.81 -49.95
C ILE B 29 57.03 -45.32 -49.16
N THR B 30 57.20 -46.42 -48.44
CA THR B 30 56.08 -46.96 -47.69
C THR B 30 56.32 -46.84 -46.19
N ILE B 31 55.38 -46.17 -45.52
CA ILE B 31 55.41 -46.06 -44.08
C ILE B 31 54.10 -46.60 -43.52
N ASN B 32 54.21 -47.61 -42.66
CA ASN B 32 53.02 -48.24 -42.06
C ASN B 32 52.04 -48.67 -43.15
N CYS B 33 52.57 -49.30 -44.18
CA CYS B 33 51.80 -49.86 -45.30
C CYS B 33 51.17 -48.80 -46.21
N VAL B 34 51.48 -47.53 -45.96
CA VAL B 34 50.99 -46.43 -46.79
C VAL B 34 52.11 -45.82 -47.62
N THR B 35 51.84 -45.56 -48.90
CA THR B 35 52.88 -45.01 -49.79
C THR B 35 52.77 -43.50 -49.97
N PHE B 36 53.90 -42.83 -49.80
CA PHE B 36 54.03 -41.38 -49.94
C PHE B 36 55.15 -41.07 -50.91
N PRO B 37 55.14 -39.85 -51.48
CA PRO B 37 56.29 -39.41 -52.28
C PRO B 37 57.61 -39.44 -51.49
N HIS B 38 58.73 -39.38 -52.20
CA HIS B 38 60.06 -39.67 -51.63
C HIS B 38 61.23 -39.08 -52.43
N PRO B 39 62.18 -38.40 -51.74
CA PRO B 39 62.16 -37.92 -50.34
C PRO B 39 61.04 -36.92 -49.98
N ASP B 40 60.46 -36.17 -50.92
CA ASP B 40 61.16 -35.63 -52.09
C ASP B 40 61.17 -34.11 -52.03
N THR B 41 61.97 -33.50 -52.90
CA THR B 41 61.66 -32.16 -53.40
C THR B 41 60.83 -32.28 -54.68
N PRO B 43 57.80 -32.70 -57.67
CA PRO B 43 56.75 -31.82 -58.21
C PRO B 43 55.50 -31.85 -57.33
N GLU B 44 54.34 -31.44 -57.84
CA GLU B 44 53.14 -31.40 -57.00
C GLU B 44 53.48 -30.38 -55.87
N GLN B 45 52.77 -30.29 -54.73
CA GLN B 45 51.48 -30.89 -54.40
C GLN B 45 50.57 -29.82 -53.82
N GLN B 46 49.38 -29.66 -54.39
CA GLN B 46 48.47 -28.65 -53.89
C GLN B 46 47.53 -29.25 -52.84
N LEU B 47 47.19 -28.45 -51.84
CA LEU B 47 46.34 -28.90 -50.74
C LEU B 47 44.91 -29.13 -51.22
N LEU B 48 44.18 -30.01 -50.54
CA LEU B 48 42.78 -30.27 -50.88
C LEU B 48 41.87 -29.09 -50.59
N LYS B 49 42.09 -28.41 -49.47
CA LYS B 49 41.27 -27.26 -49.11
C LYS B 49 42.04 -26.02 -48.65
N PRO B 50 42.64 -25.28 -49.59
CA PRO B 50 43.40 -24.08 -49.25
C PRO B 50 42.49 -22.86 -49.07
N THR B 51 42.72 -22.06 -48.03
CA THR B 51 43.65 -22.42 -46.98
C THR B 51 42.90 -22.59 -45.68
N GLU B 52 41.87 -23.42 -45.70
CA GLU B 52 41.22 -23.81 -44.47
C GLU B 52 42.17 -24.84 -43.90
N TRP B 53 42.34 -24.85 -42.60
CA TRP B 53 43.16 -25.88 -41.97
C TRP B 53 42.30 -27.10 -41.74
N SER B 54 42.01 -27.79 -42.82
CA SER B 54 41.04 -28.86 -42.82
C SER B 54 41.64 -30.14 -42.25
N TYR B 55 40.76 -31.00 -41.73
CA TYR B 55 41.14 -32.30 -41.22
C TYR B 55 41.70 -33.18 -42.34
N CYS B 56 41.19 -32.99 -43.54
CA CYS B 56 41.49 -33.86 -44.67
C CYS B 56 42.86 -33.59 -45.30
N ASP B 57 43.60 -32.62 -44.77
CA ASP B 57 44.87 -32.24 -45.37
C ASP B 57 46.09 -32.49 -44.49
N TYR B 58 45.90 -32.60 -43.18
CA TYR B 58 47.03 -32.56 -42.27
C TYR B 58 47.18 -33.76 -41.33
N PHE B 59 46.51 -34.87 -41.62
CA PHE B 59 46.57 -36.03 -40.73
C PHE B 59 46.72 -37.34 -41.48
N TRP B 60 47.65 -37.36 -42.43
CA TRP B 60 47.91 -38.55 -43.22
C TRP B 60 48.98 -39.42 -42.57
N ALA B 61 50.10 -38.81 -42.18
CA ALA B 61 51.15 -39.51 -41.45
C ALA B 61 50.64 -40.00 -40.11
N ASP B 62 51.23 -41.08 -39.60
CA ASP B 62 50.88 -41.55 -38.26
C ASP B 62 51.71 -40.84 -37.20
N LYS B 63 51.12 -40.62 -36.03
CA LYS B 63 51.84 -39.98 -34.94
C LYS B 63 52.63 -40.96 -34.08
N LYS B 64 53.95 -40.78 -34.06
CA LYS B 64 54.81 -41.52 -33.15
C LYS B 64 54.92 -40.73 -31.84
N ASP B 65 54.31 -41.21 -30.77
CA ASP B 65 54.51 -40.55 -29.49
C ASP B 65 56.00 -40.55 -29.15
N PRO B 66 56.55 -39.39 -28.74
CA PRO B 66 57.98 -39.29 -28.45
C PRO B 66 58.36 -39.90 -27.12
N GLN B 67 57.36 -40.33 -26.35
CA GLN B 67 57.59 -40.87 -25.02
C GLN B 67 57.75 -42.40 -25.11
N GLY B 68 57.47 -42.94 -26.29
CA GLY B 68 57.64 -44.38 -26.55
C GLY B 68 56.46 -45.28 -26.24
N ASN B 69 55.24 -44.77 -26.40
CA ASN B 69 54.05 -45.58 -26.11
C ASN B 69 53.31 -46.09 -27.34
N GLY B 70 54.02 -46.29 -28.45
CA GLY B 70 53.33 -46.83 -29.63
C GLY B 70 53.02 -45.79 -30.68
N THR B 71 52.36 -46.23 -31.75
CA THR B 71 52.04 -45.35 -32.87
C THR B 71 50.54 -45.43 -33.15
N VAL B 72 49.96 -44.30 -33.54
CA VAL B 72 48.55 -44.22 -33.92
C VAL B 72 48.31 -43.39 -35.17
N ALA B 73 47.27 -43.76 -35.93
CA ALA B 73 46.88 -43.01 -37.11
C ALA B 73 46.44 -41.60 -36.69
N GLY B 74 46.58 -40.63 -37.58
CA GLY B 74 46.15 -39.27 -37.33
C GLY B 74 44.66 -39.18 -37.02
N PHE B 75 43.92 -40.09 -37.65
CA PHE B 75 42.49 -40.17 -37.45
C PHE B 75 42.17 -40.34 -35.97
N GLU B 76 43.04 -41.07 -35.26
CA GLU B 76 42.90 -41.26 -33.82
C GLU B 76 42.99 -39.92 -33.10
N LEU B 77 43.85 -39.03 -33.60
CA LEU B 77 43.99 -37.69 -33.03
C LEU B 77 42.70 -36.92 -33.22
N LEU B 78 42.12 -37.05 -34.41
CA LEU B 78 40.86 -36.38 -34.69
C LEU B 78 39.74 -36.86 -33.76
N LEU B 79 39.61 -38.17 -33.63
CA LEU B 79 38.61 -38.76 -32.75
C LEU B 79 38.79 -38.32 -31.31
N GLN B 80 40.03 -38.34 -30.83
CA GLN B 80 40.32 -37.90 -29.47
C GLN B 80 39.95 -36.44 -29.28
N LYS B 81 40.18 -35.63 -30.33
CA LYS B 81 39.83 -34.22 -30.26
C LYS B 81 38.32 -34.05 -30.12
N GLN B 82 37.57 -34.84 -30.88
CA GLN B 82 36.10 -34.79 -30.83
C GLN B 82 35.60 -35.16 -29.44
N LEU B 83 36.11 -36.28 -28.95
CA LEU B 83 35.76 -36.82 -27.64
C LEU B 83 36.02 -35.77 -26.55
N LYS B 84 37.20 -35.17 -26.62
CA LYS B 84 37.56 -34.10 -25.68
C LYS B 84 36.56 -32.94 -25.77
N GLY B 85 36.13 -32.60 -26.98
CA GLY B 85 35.14 -31.57 -27.16
C GLY B 85 33.86 -31.87 -26.38
N LYS B 86 33.41 -33.11 -26.50
CA LYS B 86 32.18 -33.51 -25.81
C LYS B 86 32.38 -33.49 -24.29
N GLN B 87 33.54 -33.93 -23.84
CA GLN B 87 33.88 -33.85 -22.41
C GLN B 87 33.78 -32.40 -21.93
N GLN B 89 31.92 -29.86 -23.24
CA GLN B 89 30.56 -29.37 -23.12
C GLN B 89 29.86 -29.97 -21.90
N LYS B 90 30.21 -31.21 -21.57
CA LYS B 90 29.72 -31.80 -20.31
C LYS B 90 30.14 -30.95 -19.10
N GLU B 91 31.42 -30.63 -19.02
CA GLU B 91 31.95 -29.85 -17.91
C GLU B 91 31.29 -28.47 -17.82
N SER B 93 28.26 -27.71 -18.82
CA SER B 93 26.94 -28.01 -18.27
C SER B 93 27.01 -28.11 -16.75
N GLU B 94 28.01 -28.83 -16.25
CA GLU B 94 28.18 -28.97 -14.79
C GLU B 94 28.37 -27.62 -14.10
N PHE B 95 29.20 -26.77 -14.69
CA PHE B 95 29.41 -25.41 -14.19
C PHE B 95 28.06 -24.68 -14.05
N ILE B 96 27.25 -24.76 -15.10
CA ILE B 96 25.93 -24.14 -15.05
C ILE B 96 25.06 -24.74 -13.94
N ARG B 97 25.16 -26.05 -13.74
CA ARG B 97 24.41 -26.70 -12.66
C ARG B 97 24.78 -26.10 -11.30
N GLU B 98 26.08 -25.92 -11.07
CA GLU B 98 26.56 -25.29 -9.84
C GLU B 98 25.97 -23.89 -9.68
N ARG B 99 26.00 -23.12 -10.76
CA ARG B 99 25.40 -21.79 -10.75
C ARG B 99 23.93 -21.83 -10.32
N ILE B 100 23.18 -22.76 -10.92
CA ILE B 100 21.78 -22.95 -10.57
C ILE B 100 21.61 -23.21 -9.08
N LYS B 101 22.43 -24.10 -8.53
CA LYS B 101 22.37 -24.39 -7.09
C LYS B 101 22.57 -23.11 -6.25
N ILE B 102 23.57 -22.31 -6.64
CA ILE B 102 23.83 -21.05 -5.95
C ILE B 102 22.61 -20.15 -5.96
N GLU B 103 22.03 -19.97 -7.16
CA GLU B 103 20.84 -19.15 -7.30
C GLU B 103 19.68 -19.66 -6.43
N GLU B 104 19.54 -20.98 -6.34
CA GLU B 104 18.48 -21.54 -5.50
C GLU B 104 18.70 -21.24 -4.03
N GLU B 105 19.95 -21.31 -3.57
CA GLU B 105 20.22 -20.97 -2.17
C GLU B 105 19.92 -19.50 -1.90
N TYR B 106 20.34 -18.64 -2.83
CA TYR B 106 20.11 -17.20 -2.75
C TYR B 106 18.60 -16.89 -2.65
N ALA B 107 17.83 -17.51 -3.54
CA ALA B 107 16.39 -17.35 -3.57
C ALA B 107 15.77 -17.85 -2.26
N LYS B 108 16.23 -19.00 -1.79
CA LYS B 108 15.79 -19.56 -0.52
C LYS B 108 15.94 -18.55 0.62
N ASN B 109 17.15 -18.04 0.80
CA ASN B 109 17.42 -17.05 1.84
C ASN B 109 16.57 -15.80 1.69
N LEU B 110 16.49 -15.26 0.48
CA LEU B 110 15.69 -14.06 0.25
C LEU B 110 14.21 -14.29 0.60
N ALA B 111 13.71 -15.46 0.23
CA ALA B 111 12.32 -15.82 0.51
C ALA B 111 12.08 -15.91 2.02
N LYS B 112 12.95 -16.62 2.73
CA LYS B 112 12.80 -16.75 4.17
C LYS B 112 12.85 -15.38 4.87
N LEU B 113 13.76 -14.53 4.41
CA LEU B 113 13.90 -13.19 5.00
C LEU B 113 12.67 -12.34 4.71
N SER B 114 12.07 -12.55 3.54
CA SER B 114 10.86 -11.84 3.18
C SER B 114 9.70 -12.20 4.11
N GLN B 115 9.78 -13.40 4.69
CA GLN B 115 8.77 -13.87 5.62
C GLN B 115 9.04 -13.42 7.06
N ASN B 116 10.17 -12.74 7.26
CA ASN B 116 10.57 -12.29 8.60
C ASN B 116 9.59 -11.27 9.16
N SER B 117 9.34 -11.34 10.46
CA SER B 117 8.35 -10.48 11.11
C SER B 117 8.96 -9.27 11.81
N LEU B 118 10.20 -8.93 11.49
CA LEU B 118 10.86 -7.78 12.08
C LEU B 118 10.16 -6.47 11.71
N ALA B 119 9.92 -5.63 12.71
CA ALA B 119 9.28 -4.32 12.53
C ALA B 119 7.90 -4.41 11.88
N ALA B 120 7.21 -5.52 12.10
CA ALA B 120 5.89 -5.74 11.52
C ALA B 120 4.81 -4.87 12.15
N GLN B 121 5.07 -4.33 13.34
CA GLN B 121 4.07 -3.54 14.05
C GLN B 121 4.20 -2.04 13.78
N GLU B 122 5.06 -1.69 12.82
CA GLU B 122 5.13 -0.30 12.35
C GLU B 122 3.86 0.02 11.59
N GLU B 123 3.22 1.12 11.94
CA GLU B 123 1.91 1.42 11.40
C GLU B 123 1.91 2.63 10.47
N GLY B 124 0.81 2.80 9.75
CA GLY B 124 0.66 3.91 8.83
C GLY B 124 1.27 3.64 7.46
N SER B 125 1.44 4.71 6.69
CA SER B 125 1.99 4.63 5.35
C SER B 125 3.44 4.15 5.40
N LEU B 126 4.12 4.48 6.49
CA LEU B 126 5.47 4.00 6.75
C LEU B 126 5.49 2.47 6.88
N GLY B 127 4.57 1.96 7.69
CA GLY B 127 4.39 0.53 7.85
C GLY B 127 4.08 -0.14 6.52
N GLU B 128 3.27 0.53 5.71
CA GLU B 128 2.90 0.00 4.40
C GLU B 128 4.12 -0.12 3.50
N ALA B 129 4.94 0.93 3.49
CA ALA B 129 6.16 0.96 2.69
C ALA B 129 7.15 -0.12 3.13
N TRP B 130 7.28 -0.30 4.44
CA TRP B 130 8.16 -1.33 5.00
C TRP B 130 7.71 -2.74 4.59
N ALA B 131 6.43 -3.02 4.81
CA ALA B 131 5.81 -4.28 4.40
C ALA B 131 6.12 -4.52 2.92
N GLN B 132 6.03 -3.46 2.13
CA GLN B 132 6.29 -3.55 0.70
C GLN B 132 7.76 -3.85 0.41
N VAL B 133 8.66 -3.35 1.25
CA VAL B 133 10.08 -3.70 1.13
C VAL B 133 10.27 -5.22 1.26
N LYS B 134 9.68 -5.78 2.33
CA LYS B 134 9.81 -7.23 2.55
C LYS B 134 9.18 -8.04 1.41
N LYS B 135 8.00 -7.62 0.98
CA LYS B 135 7.32 -8.31 -0.11
C LYS B 135 8.19 -8.24 -1.37
N SER B 136 8.85 -7.10 -1.58
CA SER B 136 9.75 -6.92 -2.71
C SER B 136 10.90 -7.90 -2.63
N LEU B 137 11.37 -8.20 -1.42
CA LEU B 137 12.37 -9.25 -1.25
C LEU B 137 11.82 -10.57 -1.76
N ALA B 138 10.58 -10.87 -1.38
CA ALA B 138 9.96 -12.12 -1.87
C ALA B 138 9.95 -12.17 -3.40
N ASP B 139 9.61 -11.04 -4.01
CA ASP B 139 9.55 -10.97 -5.48
C ASP B 139 10.93 -11.21 -6.11
N GLU B 140 11.96 -10.59 -5.55
CA GLU B 140 13.32 -10.83 -6.02
C GLU B 140 13.64 -12.32 -5.97
N ALA B 141 13.30 -12.96 -4.84
CA ALA B 141 13.55 -14.39 -4.66
C ALA B 141 12.91 -15.20 -5.79
N GLU B 142 11.64 -14.94 -6.05
CA GLU B 142 10.94 -15.64 -7.13
C GLU B 142 11.61 -15.41 -8.49
N VAL B 143 12.02 -14.17 -8.73
CA VAL B 143 12.69 -13.81 -9.97
C VAL B 143 13.95 -14.67 -10.18
N HIS B 144 14.81 -14.73 -9.14
CA HIS B 144 16.04 -15.50 -9.25
C HIS B 144 15.78 -17.01 -9.39
N LEU B 145 14.73 -17.50 -8.72
CA LEU B 145 14.36 -18.90 -8.88
C LEU B 145 13.99 -19.23 -10.33
N LYS B 146 13.12 -18.41 -10.90
CA LYS B 146 12.74 -18.58 -12.31
C LYS B 146 13.96 -18.46 -13.22
N PHE B 147 14.88 -17.57 -12.86
CA PHE B 147 16.14 -17.45 -13.59
C PHE B 147 16.87 -18.79 -13.61
N SER B 148 16.95 -19.43 -12.45
CA SER B 148 17.65 -20.71 -12.36
C SER B 148 16.94 -21.79 -13.18
N ALA B 149 15.61 -21.78 -13.14
CA ALA B 149 14.83 -22.71 -13.95
C ALA B 149 15.14 -22.56 -15.43
N LYS B 150 15.15 -21.30 -15.89
CA LYS B 150 15.43 -21.00 -17.28
C LYS B 150 16.85 -21.42 -17.66
N LEU B 151 17.78 -21.25 -16.74
CA LEU B 151 19.13 -21.78 -16.91
C LEU B 151 19.11 -23.29 -17.13
N HIS B 152 18.31 -23.98 -16.33
CA HIS B 152 18.19 -25.43 -16.43
C HIS B 152 17.66 -25.87 -17.80
N SER B 153 16.52 -25.33 -18.20
CA SER B 153 15.89 -25.73 -19.46
C SER B 153 16.66 -25.30 -20.71
N GLU B 154 17.17 -24.07 -20.70
CA GLU B 154 17.68 -23.46 -21.93
C GLU B 154 19.21 -23.46 -22.07
N VAL B 155 19.94 -23.84 -21.03
CA VAL B 155 21.40 -23.80 -21.09
C VAL B 155 22.06 -25.11 -20.64
N GLU B 156 21.77 -25.53 -19.42
CA GLU B 156 22.42 -26.72 -18.86
C GLU B 156 22.07 -28.00 -19.61
N LYS B 157 20.78 -28.28 -19.74
CA LYS B 157 20.30 -29.47 -20.43
C LYS B 157 20.72 -29.50 -21.91
N PRO B 158 20.55 -28.38 -22.64
CA PRO B 158 21.03 -28.40 -24.04
C PRO B 158 22.54 -28.64 -24.18
N LEU B 159 23.35 -28.01 -23.31
CA LEU B 159 24.79 -28.25 -23.32
C LEU B 159 25.10 -29.72 -23.07
N ASN B 161 22.79 -32.57 -23.01
CA ASN B 161 22.10 -33.50 -23.88
C ASN B 161 22.36 -33.32 -25.38
N PHE B 162 23.44 -32.65 -25.74
CA PHE B 162 23.74 -32.46 -27.15
C PHE B 162 24.51 -33.66 -27.69
N ARG B 163 23.87 -34.38 -28.58
CA ARG B 163 24.41 -35.58 -29.24
C ARG B 163 24.88 -36.63 -28.25
N GLU B 164 23.93 -37.19 -27.50
CA GLU B 164 24.24 -38.18 -26.49
C GLU B 164 24.79 -39.44 -27.15
N ASN B 165 24.38 -39.66 -28.40
CA ASN B 165 24.62 -40.92 -29.08
C ASN B 165 25.97 -41.11 -29.76
N PHE B 166 26.93 -40.23 -29.51
CA PHE B 166 28.27 -40.36 -30.11
C PHE B 166 29.03 -41.58 -29.59
N LYS B 167 28.59 -42.10 -28.44
CA LYS B 167 29.26 -43.15 -27.69
C LYS B 167 29.91 -44.31 -28.47
N LYS B 168 29.11 -45.25 -28.98
CA LYS B 168 29.64 -46.42 -29.68
C LYS B 168 29.70 -46.13 -31.16
N ASP B 169 28.94 -45.12 -31.57
CA ASP B 169 28.87 -44.66 -32.93
C ASP B 169 30.26 -44.25 -33.44
N LYS B 171 33.08 -44.96 -32.09
CA LYS B 171 33.90 -46.17 -32.01
C LYS B 171 33.73 -47.00 -33.29
N LYS B 172 32.50 -47.12 -33.73
CA LYS B 172 32.16 -47.79 -34.99
C LYS B 172 32.95 -47.17 -36.14
N CYS B 173 32.88 -45.85 -36.27
CA CYS B 173 33.65 -45.13 -37.29
C CYS B 173 35.15 -45.48 -37.22
N ASP B 174 35.67 -45.42 -36.00
CA ASP B 174 37.07 -45.76 -35.72
C ASP B 174 37.43 -47.12 -36.28
N HIS B 175 36.71 -48.14 -35.82
CA HIS B 175 36.93 -49.52 -36.25
C HIS B 175 36.83 -49.64 -37.75
N HIS B 176 35.92 -48.87 -38.36
CA HIS B 176 35.77 -48.85 -39.81
C HIS B 176 37.11 -48.51 -40.46
N ILE B 177 37.60 -47.31 -40.18
CA ILE B 177 38.88 -46.86 -40.78
C ILE B 177 40.02 -47.83 -40.46
N ALA B 178 40.04 -48.33 -39.21
CA ALA B 178 41.07 -49.25 -38.76
C ALA B 178 41.07 -50.52 -39.62
N ASP B 179 39.88 -51.02 -39.90
CA ASP B 179 39.70 -52.21 -40.70
C ASP B 179 40.19 -51.98 -42.11
N LEU B 180 39.91 -50.79 -42.65
CA LEU B 180 40.44 -50.47 -43.97
C LEU B 180 41.97 -50.55 -43.94
N ARG B 181 42.58 -50.03 -42.87
CA ARG B 181 44.03 -50.11 -42.72
C ARG B 181 44.48 -51.58 -42.65
N LYS B 182 43.67 -52.42 -42.02
CA LYS B 182 43.94 -53.86 -41.97
C LYS B 182 44.04 -54.44 -43.37
N GLN B 183 43.03 -54.15 -44.20
CA GLN B 183 43.03 -54.61 -45.58
C GLN B 183 44.28 -54.13 -46.29
N LEU B 184 44.62 -52.87 -46.09
CA LEU B 184 45.82 -52.30 -46.69
C LEU B 184 47.07 -53.11 -46.32
N ALA B 185 47.21 -53.40 -45.03
CA ALA B 185 48.35 -54.17 -44.55
C ALA B 185 48.40 -55.57 -45.19
N SER B 186 47.26 -56.23 -45.22
CA SER B 186 47.15 -57.54 -45.85
C SER B 186 47.64 -57.49 -47.30
N ARG B 187 47.10 -56.53 -48.05
CA ARG B 187 47.46 -56.34 -49.45
C ARG B 187 48.96 -56.13 -49.61
N TYR B 188 49.54 -55.30 -48.73
CA TYR B 188 50.97 -55.04 -48.77
C TYR B 188 51.75 -56.33 -48.59
N ALA B 189 51.31 -57.14 -47.62
CA ALA B 189 51.93 -58.43 -47.34
C ALA B 189 51.92 -59.30 -48.59
N SER B 190 50.75 -59.41 -49.21
CA SER B 190 50.60 -60.18 -50.43
C SER B 190 51.57 -59.70 -51.51
N VAL B 191 51.68 -58.38 -51.65
CA VAL B 191 52.56 -57.76 -52.62
C VAL B 191 54.02 -58.17 -52.38
N GLU B 192 54.44 -58.11 -51.13
CA GLU B 192 55.81 -58.46 -50.79
C GLU B 192 56.08 -59.94 -51.10
N LYS B 193 55.11 -60.79 -50.77
CA LYS B 193 55.19 -62.21 -51.08
C LYS B 193 55.41 -62.40 -52.59
N ALA B 194 54.65 -61.64 -53.37
CA ALA B 194 54.74 -61.69 -54.82
C ALA B 194 56.13 -61.29 -55.27
N ARG B 195 56.69 -60.26 -54.63
CA ARG B 195 58.03 -59.79 -54.97
C ARG B 195 59.04 -60.92 -54.74
N LYS B 196 58.88 -61.61 -53.62
CA LYS B 196 59.72 -62.78 -53.31
C LYS B 196 59.66 -63.81 -54.42
N ALA B 197 58.44 -64.27 -54.71
CA ALA B 197 58.23 -65.30 -55.72
C ALA B 197 58.85 -64.88 -57.05
N LEU B 198 58.68 -63.62 -57.41
CA LEU B 198 59.20 -63.10 -58.67
C LEU B 198 60.70 -63.17 -58.73
N THR B 199 61.38 -62.61 -57.74
CA THR B 199 62.84 -62.58 -57.75
C THR B 199 63.40 -64.00 -57.76
N GLU B 200 62.72 -64.88 -57.04
CA GLU B 200 63.10 -66.29 -57.00
C GLU B 200 63.03 -66.92 -58.40
N ARG B 201 61.88 -66.79 -59.05
CA ARG B 201 61.69 -67.36 -60.38
C ARG B 201 62.69 -66.79 -61.38
N GLN B 202 62.95 -65.48 -61.29
CA GLN B 202 63.96 -64.85 -62.13
C GLN B 202 65.30 -65.54 -61.95
N LYS B 203 65.68 -65.78 -60.69
CA LYS B 203 66.93 -66.48 -60.41
C LYS B 203 66.93 -67.87 -61.06
N ASP B 204 65.80 -68.56 -60.95
CA ASP B 204 65.68 -69.92 -61.51
C ASP B 204 65.83 -69.94 -63.03
N LEU B 205 65.31 -68.91 -63.69
CA LEU B 205 65.42 -68.82 -65.14
C LEU B 205 66.82 -68.46 -65.59
N GLU B 206 67.39 -67.45 -64.95
CA GLU B 206 68.74 -67.02 -65.30
C GLU B 206 69.75 -68.14 -65.06
N LYS B 208 68.75 -71.60 -65.37
CA LYS B 208 68.46 -72.64 -66.35
C LYS B 208 68.86 -72.27 -67.78
N THR B 209 68.91 -70.97 -68.08
CA THR B 209 69.39 -70.54 -69.40
C THR B 209 70.90 -70.73 -69.51
N GLN B 210 71.58 -70.71 -68.38
CA GLN B 210 73.01 -70.99 -68.36
C GLN B 210 73.19 -72.49 -68.59
N GLN B 211 72.26 -73.26 -68.02
CA GLN B 211 72.29 -74.71 -68.25
C GLN B 211 72.04 -75.02 -69.74
N LEU B 212 71.26 -74.17 -70.41
CA LEU B 212 71.05 -74.34 -71.84
C LEU B 212 72.31 -73.90 -72.58
N GLU B 213 73.03 -72.94 -72.01
CA GLU B 213 74.29 -72.52 -72.60
C GLU B 213 75.34 -73.62 -72.49
N ILE B 214 75.22 -74.50 -71.50
CA ILE B 214 76.23 -75.55 -71.40
C ILE B 214 75.86 -76.82 -72.16
N LYS B 215 74.61 -77.30 -72.11
CA LYS B 215 74.33 -78.50 -72.92
C LYS B 215 72.89 -78.95 -73.20
N LEU B 216 72.27 -78.37 -74.23
CA LEU B 216 71.03 -78.97 -74.74
C LEU B 216 71.53 -80.02 -75.76
N SER B 217 70.97 -81.24 -75.86
CA SER B 217 69.84 -81.87 -75.13
C SER B 217 68.49 -81.28 -75.55
N ASN B 218 67.44 -81.72 -74.88
CA ASN B 218 66.08 -81.37 -75.29
C ASN B 218 65.10 -81.57 -74.13
N LYS B 219 65.46 -82.42 -73.18
CA LYS B 219 64.63 -82.60 -71.99
C LYS B 219 64.97 -81.47 -71.05
N THR B 220 66.18 -80.94 -71.18
CA THR B 220 66.62 -79.83 -70.36
C THR B 220 65.95 -78.55 -70.88
N GLU B 221 65.79 -78.48 -72.20
CA GLU B 221 65.27 -77.31 -72.90
C GLU B 221 63.83 -76.85 -72.61
N GLU B 222 62.90 -77.80 -72.49
CA GLU B 222 61.51 -77.43 -72.26
C GLU B 222 61.31 -76.95 -70.83
N ASP B 223 62.20 -77.36 -69.93
CA ASP B 223 62.22 -76.83 -68.59
C ASP B 223 62.76 -75.40 -68.60
N ILE B 224 63.58 -75.10 -69.60
CA ILE B 224 64.11 -73.75 -69.75
C ILE B 224 62.99 -72.85 -70.25
N LYS B 225 62.11 -73.42 -71.07
CA LYS B 225 60.92 -72.70 -71.55
C LYS B 225 59.88 -72.52 -70.43
N LYS B 226 59.64 -73.59 -69.69
CA LYS B 226 58.73 -73.58 -68.54
C LYS B 226 59.16 -72.57 -67.49
N ALA B 227 60.47 -72.42 -67.31
CA ALA B 227 60.99 -71.46 -66.35
C ALA B 227 60.55 -70.06 -66.75
N ARG B 228 60.65 -69.75 -68.04
CA ARG B 228 60.18 -68.48 -68.57
C ARG B 228 58.69 -68.33 -68.31
N ARG B 229 57.93 -69.40 -68.58
CA ARG B 229 56.48 -69.40 -68.32
C ARG B 229 56.15 -68.95 -66.90
N LYS B 230 56.61 -69.74 -65.93
CA LYS B 230 56.35 -69.47 -64.52
C LYS B 230 56.88 -68.11 -64.09
N SER B 231 57.99 -67.67 -64.70
CA SER B 231 58.58 -66.39 -64.35
C SER B 231 57.69 -65.21 -64.76
N THR B 232 57.29 -65.19 -66.03
CA THR B 232 56.42 -64.14 -66.53
C THR B 232 55.08 -64.17 -65.80
N GLN B 233 54.63 -65.39 -65.47
CA GLN B 233 53.40 -65.56 -64.70
C GLN B 233 53.55 -64.88 -63.34
N ALA B 234 54.69 -65.10 -62.69
CA ALA B 234 54.99 -64.46 -61.41
C ALA B 234 55.02 -62.94 -61.53
N GLY B 235 55.53 -62.44 -62.65
CA GLY B 235 55.55 -61.00 -62.87
C GLY B 235 54.15 -60.44 -62.97
N ASP B 236 53.27 -61.17 -63.65
CA ASP B 236 51.88 -60.75 -63.78
C ASP B 236 51.21 -60.78 -62.41
N ASP B 237 51.56 -61.79 -61.61
CA ASP B 237 51.06 -61.90 -60.25
C ASP B 237 51.45 -60.67 -59.43
N LEU B 238 52.70 -60.23 -59.58
CA LEU B 238 53.17 -59.01 -58.93
C LEU B 238 52.34 -57.79 -59.34
N ARG B 240 49.36 -57.69 -60.55
CA ARG B 240 48.05 -57.89 -59.93
C ARG B 240 47.99 -57.45 -58.46
N CYS B 241 48.90 -58.01 -57.66
CA CYS B 241 48.95 -57.71 -56.23
C CYS B 241 49.14 -56.22 -55.98
N VAL B 242 49.98 -55.57 -56.79
CA VAL B 242 50.20 -54.13 -56.68
C VAL B 242 48.91 -53.38 -56.98
N ASP B 243 48.20 -53.81 -58.02
CA ASP B 243 46.92 -53.18 -58.37
C ASP B 243 45.93 -53.27 -57.21
N LEU B 244 45.79 -54.45 -56.63
CA LEU B 244 44.85 -54.65 -55.55
C LEU B 244 45.25 -53.83 -54.33
N TYR B 245 46.55 -53.69 -54.12
CA TYR B 245 47.06 -52.83 -53.05
C TYR B 245 46.62 -51.40 -53.27
N ASN B 246 46.90 -50.87 -54.45
CA ASN B 246 46.54 -49.50 -54.79
C ASN B 246 45.04 -49.25 -54.64
N GLN B 247 44.23 -50.24 -55.02
CA GLN B 247 42.78 -50.14 -54.84
C GLN B 247 42.43 -50.02 -53.36
N ALA B 248 43.02 -50.88 -52.54
CA ALA B 248 42.80 -50.83 -51.09
C ALA B 248 43.16 -49.46 -50.50
N GLN B 249 44.30 -48.93 -50.92
CA GLN B 249 44.77 -47.64 -50.43
C GLN B 249 43.85 -46.51 -50.89
N SER B 250 43.29 -46.66 -52.08
CA SER B 250 42.38 -45.65 -52.60
C SER B 250 41.04 -45.67 -51.85
N LYS B 251 40.55 -46.87 -51.54
CA LYS B 251 39.33 -47.00 -50.75
C LYS B 251 39.53 -46.34 -49.39
N TRP B 252 40.61 -46.74 -48.71
CA TRP B 252 41.01 -46.15 -47.45
C TRP B 252 41.08 -44.63 -47.56
N PHE B 253 41.59 -44.16 -48.71
CA PHE B 253 41.76 -42.74 -48.97
C PHE B 253 40.43 -42.00 -48.98
N GLU B 254 39.52 -42.44 -49.85
CA GLU B 254 38.22 -41.80 -50.00
C GLU B 254 37.47 -41.80 -48.67
N GLU B 255 37.51 -42.93 -47.97
CA GLU B 255 36.87 -43.04 -46.66
C GLU B 255 37.46 -42.03 -45.70
N VAL B 257 38.96 -39.21 -46.36
CA VAL B 257 38.52 -37.88 -46.73
C VAL B 257 37.11 -37.59 -46.21
N THR B 258 36.14 -38.41 -46.60
CA THR B 258 34.74 -38.15 -46.21
C THR B 258 34.56 -38.10 -44.69
N THR B 259 35.21 -39.03 -43.98
CA THR B 259 35.07 -39.09 -42.53
C THR B 259 35.70 -37.89 -41.85
N THR B 260 36.90 -37.51 -42.28
CA THR B 260 37.57 -36.35 -41.70
C THR B 260 36.80 -35.05 -41.94
N LEU B 261 36.21 -34.91 -43.12
CA LEU B 261 35.38 -33.74 -43.39
C LEU B 261 34.14 -33.74 -42.50
N GLU B 262 33.58 -34.93 -42.29
CA GLU B 262 32.48 -35.08 -41.33
C GLU B 262 32.87 -34.58 -39.95
N LEU B 263 34.04 -35.00 -39.49
CA LEU B 263 34.54 -34.56 -38.18
C LEU B 263 34.74 -33.05 -38.11
N GLU B 264 35.22 -32.46 -39.20
CA GLU B 264 35.38 -31.01 -39.28
C GLU B 264 34.05 -30.30 -39.09
N ARG B 265 33.06 -30.73 -39.86
CA ARG B 265 31.71 -30.18 -39.78
C ARG B 265 31.15 -30.29 -38.36
N LEU B 266 31.26 -31.47 -37.78
CA LEU B 266 30.75 -31.74 -36.43
C LEU B 266 31.41 -30.84 -35.37
N GLU B 267 32.73 -30.68 -35.46
CA GLU B 267 33.43 -29.79 -34.54
C GLU B 267 32.94 -28.35 -34.68
N VAL B 268 32.80 -27.91 -35.93
CA VAL B 268 32.32 -26.56 -36.20
C VAL B 268 30.94 -26.34 -35.55
N GLU B 269 30.01 -27.24 -35.80
CA GLU B 269 28.65 -27.08 -35.29
C GLU B 269 28.60 -27.22 -33.76
N ARG B 270 29.54 -27.99 -33.19
CA ARG B 270 29.67 -28.02 -31.73
C ARG B 270 29.97 -26.62 -31.22
N VAL B 271 31.02 -26.02 -31.78
CA VAL B 271 31.42 -24.65 -31.41
C VAL B 271 30.24 -23.69 -31.55
N GLU B 272 29.50 -23.85 -32.65
CA GLU B 272 28.34 -23.00 -32.92
C GLU B 272 27.27 -23.11 -31.85
N ILE B 274 27.51 -24.24 -28.81
CA ILE B 274 28.00 -23.77 -27.53
C ILE B 274 27.95 -22.25 -27.46
N ARG B 275 28.44 -21.59 -28.51
CA ARG B 275 28.37 -20.13 -28.58
C ARG B 275 26.93 -19.66 -28.43
N GLN B 276 26.02 -20.31 -29.17
CA GLN B 276 24.60 -19.99 -29.12
C GLN B 276 24.07 -20.01 -27.69
N HIS B 277 24.34 -21.11 -26.98
CA HIS B 277 23.79 -21.29 -25.64
C HIS B 277 24.45 -20.41 -24.59
N LEU B 278 25.70 -20.02 -24.83
CA LEU B 278 26.36 -19.07 -23.94
C LEU B 278 25.75 -17.68 -24.14
N CYS B 279 25.40 -17.37 -25.40
CA CYS B 279 24.67 -16.14 -25.69
C CYS B 279 23.33 -16.17 -24.97
N GLN B 280 22.72 -17.35 -24.93
CA GLN B 280 21.48 -17.54 -24.19
C GLN B 280 21.68 -17.20 -22.72
N TYR B 281 22.73 -17.77 -22.11
CA TYR B 281 23.08 -17.44 -20.73
C TYR B 281 23.19 -15.93 -20.50
N THR B 282 23.93 -15.25 -21.37
CA THR B 282 24.10 -13.80 -21.25
C THR B 282 22.79 -13.03 -21.31
N GLN B 283 21.94 -13.38 -22.29
CA GLN B 283 20.64 -12.72 -22.42
C GLN B 283 19.81 -12.92 -21.15
N LEU B 284 19.78 -14.15 -20.65
CA LEU B 284 19.03 -14.45 -19.44
C LEU B 284 19.54 -13.64 -18.26
N ARG B 285 20.86 -13.52 -18.14
CA ARG B 285 21.43 -12.71 -17.08
C ARG B 285 20.91 -11.27 -17.18
N HIS B 286 21.05 -10.71 -18.39
CA HIS B 286 20.62 -9.33 -18.67
C HIS B 286 19.15 -9.09 -18.27
N GLU B 287 18.26 -9.89 -18.83
CA GLU B 287 16.83 -9.68 -18.61
C GLU B 287 16.43 -9.99 -17.17
N THR B 288 17.18 -10.89 -16.52
CA THR B 288 16.92 -11.22 -15.13
C THR B 288 17.26 -10.03 -14.25
N ASP B 289 18.35 -9.34 -14.58
CA ASP B 289 18.73 -8.16 -13.82
C ASP B 289 17.77 -7.00 -14.07
N PHE B 291 14.43 -7.46 -14.73
CA PHE B 291 13.29 -7.89 -13.93
C PHE B 291 13.53 -7.60 -12.45
N ASN B 292 14.72 -7.94 -11.98
CA ASN B 292 15.09 -7.75 -10.58
C ASN B 292 15.07 -6.27 -10.19
N GLN B 293 15.64 -5.44 -11.04
CA GLN B 293 15.65 -3.99 -10.81
C GLN B 293 14.23 -3.43 -10.75
N SER B 294 13.32 -4.02 -11.51
CA SER B 294 11.95 -3.52 -11.57
C SER B 294 11.10 -3.77 -10.31
N THR B 295 11.64 -4.50 -9.34
CA THR B 295 10.85 -4.90 -8.17
C THR B 295 10.80 -3.87 -7.03
N VAL B 296 11.65 -2.86 -7.07
CA VAL B 296 11.68 -1.87 -6.01
C VAL B 296 10.77 -0.68 -6.30
N GLU B 297 10.31 -0.59 -7.55
CA GLU B 297 9.39 0.46 -7.97
C GLU B 297 8.09 0.52 -7.13
N PRO B 298 7.51 -0.65 -6.77
CA PRO B 298 6.37 -0.55 -5.85
C PRO B 298 6.75 0.09 -4.52
N VAL B 299 7.92 -0.26 -3.99
CA VAL B 299 8.42 0.33 -2.76
C VAL B 299 8.56 1.85 -2.92
N ASP B 300 9.11 2.27 -4.04
CA ASP B 300 9.25 3.69 -4.36
C ASP B 300 7.93 4.44 -4.37
N GLN B 301 6.92 3.83 -4.98
CA GLN B 301 5.60 4.47 -5.03
C GLN B 301 5.05 4.71 -3.64
N LEU B 302 5.25 3.74 -2.75
CA LEU B 302 4.78 3.86 -1.37
C LEU B 302 5.62 4.81 -0.53
N LEU B 303 6.93 4.85 -0.77
CA LEU B 303 7.81 5.75 -0.02
C LEU B 303 7.46 7.21 -0.28
N ARG B 304 7.01 7.51 -1.49
CA ARG B 304 6.58 8.86 -1.84
C ARG B 304 5.27 9.23 -1.13
N LYS B 305 4.45 8.24 -0.84
CA LYS B 305 3.14 8.47 -0.22
C LYS B 305 3.24 8.57 1.31
N VAL B 306 4.45 8.49 1.85
CA VAL B 306 4.64 8.56 3.29
C VAL B 306 4.42 9.96 3.84
N ASP B 307 3.51 10.08 4.79
CA ASP B 307 3.17 11.36 5.38
C ASP B 307 3.18 11.24 6.90
N PRO B 308 4.14 11.92 7.55
CA PRO B 308 4.24 11.91 9.01
C PRO B 308 2.98 12.45 9.69
N ALA B 309 2.46 13.55 9.16
CA ALA B 309 1.27 14.18 9.73
C ALA B 309 0.04 13.27 9.66
N LYS B 310 -0.19 12.69 8.49
CA LYS B 310 -1.33 11.78 8.31
C LYS B 310 -1.22 10.56 9.20
N ASP B 311 -0.01 10.01 9.30
CA ASP B 311 0.27 8.89 10.18
C ASP B 311 -0.09 9.23 11.61
N ARG B 312 0.47 10.34 12.08
CA ARG B 312 0.20 10.82 13.43
C ARG B 312 -1.28 10.99 13.71
N GLU B 313 -1.97 11.67 12.82
CA GLU B 313 -3.40 11.91 13.00
C GLU B 313 -4.20 10.60 13.03
N LEU B 314 -3.82 9.64 12.19
CA LEU B 314 -4.47 8.33 12.22
C LEU B 314 -4.28 7.69 13.59
N TRP B 315 -3.05 7.78 14.09
CA TRP B 315 -2.69 7.16 15.37
C TRP B 315 -3.44 7.81 16.52
N VAL B 316 -3.50 9.14 16.52
CA VAL B 316 -4.17 9.88 17.57
C VAL B 316 -5.66 9.57 17.49
N ARG B 317 -6.17 9.42 16.27
CA ARG B 317 -7.57 9.08 16.08
C ARG B 317 -7.90 7.72 16.70
N GLU B 318 -6.96 6.77 16.65
CA GLU B 318 -7.25 5.46 17.24
C GLU B 318 -6.86 5.33 18.72
N HIS B 319 -6.01 6.23 19.21
CA HIS B 319 -5.47 6.10 20.57
C HIS B 319 -5.75 7.28 21.52
N LYS B 320 -6.59 8.21 21.10
CA LYS B 320 -6.95 9.35 21.96
C LYS B 320 -7.60 8.89 23.26
N THR B 321 -7.40 9.66 24.32
CA THR B 321 -8.02 9.37 25.62
C THR B 321 -9.26 10.23 25.86
N GLY B 322 -9.43 11.26 25.04
CA GLY B 322 -10.56 12.17 25.18
C GLY B 322 -10.20 13.55 24.69
N ASN B 323 -11.21 14.34 24.33
CA ASN B 323 -10.99 15.62 23.68
C ASN B 323 -11.33 16.80 24.59
N ILE B 324 -11.39 16.55 25.88
CA ILE B 324 -11.69 17.63 26.83
C ILE B 324 -10.43 18.15 27.52
N ARG B 325 -10.32 19.47 27.58
CA ARG B 325 -9.18 20.12 28.22
C ARG B 325 -9.50 20.33 29.70
N PRO B 326 -8.46 20.33 30.55
CA PRO B 326 -8.71 20.63 31.97
C PRO B 326 -9.14 22.08 32.21
N VAL B 327 -9.80 22.31 33.34
CA VAL B 327 -10.20 23.64 33.76
C VAL B 327 -9.91 23.79 35.25
N ASP B 328 -10.15 24.96 35.80
CA ASP B 328 -9.87 25.22 37.21
C ASP B 328 -10.96 24.64 38.09
N GLU B 330 -13.72 24.44 40.96
CA GLU B 330 -14.74 25.41 41.37
C GLU B 330 -14.67 26.68 40.53
N ASN C 27 -27.37 -37.02 54.84
CA ASN C 27 -28.69 -37.19 54.22
C ASN C 27 -28.84 -36.13 53.14
N THR C 28 -30.06 -35.75 52.76
CA THR C 28 -30.23 -34.61 51.84
C THR C 28 -30.98 -33.40 52.40
N ILE C 29 -31.12 -32.34 51.60
CA ILE C 29 -31.91 -31.17 52.01
C ILE C 29 -32.61 -30.54 50.80
N THR C 30 -33.84 -30.06 51.00
CA THR C 30 -34.62 -29.50 49.91
C THR C 30 -34.90 -28.01 50.07
N ILE C 31 -34.58 -27.24 49.01
CA ILE C 31 -34.88 -25.81 48.98
C ILE C 31 -35.79 -25.53 47.78
N ASN C 32 -36.90 -24.84 48.05
CA ASN C 32 -37.90 -24.52 47.04
C ASN C 32 -38.43 -25.76 46.31
N CYS C 33 -38.73 -26.79 47.10
CA CYS C 33 -39.33 -28.04 46.62
C CYS C 33 -38.37 -28.86 45.77
N VAL C 34 -37.13 -28.40 45.64
CA VAL C 34 -36.11 -29.15 44.92
C VAL C 34 -35.10 -29.71 45.91
N THR C 35 -34.78 -30.99 45.76
CA THR C 35 -33.91 -31.68 46.70
C THR C 35 -32.47 -31.76 46.19
N PHE C 36 -31.53 -31.40 47.05
CA PHE C 36 -30.11 -31.43 46.76
C PHE C 36 -29.39 -32.26 47.81
N PRO C 37 -28.22 -32.81 47.47
CA PRO C 37 -27.39 -33.46 48.49
C PRO C 37 -27.02 -32.45 49.56
N HIS C 38 -26.49 -32.91 50.69
CA HIS C 38 -26.34 -32.05 51.85
C HIS C 38 -24.89 -31.59 51.84
N PRO C 39 -24.67 -30.27 51.99
CA PRO C 39 -23.40 -29.57 51.80
C PRO C 39 -22.26 -30.14 52.63
N ASP C 40 -22.59 -30.98 53.61
CA ASP C 40 -21.61 -31.56 54.51
C ASP C 40 -21.37 -33.02 54.17
N THR C 41 -22.39 -33.67 53.62
CA THR C 41 -22.22 -34.97 52.99
C THR C 41 -21.90 -34.74 51.52
N PRO C 43 -18.98 -35.61 48.99
CA PRO C 43 -17.77 -36.24 48.47
C PRO C 43 -17.71 -36.42 46.96
N GLU C 44 -18.87 -36.40 46.29
CA GLU C 44 -18.96 -36.60 44.84
C GLU C 44 -19.61 -35.40 44.15
N GLN C 45 -20.09 -35.66 42.93
CA GLN C 45 -20.91 -34.77 42.09
C GLN C 45 -20.07 -34.08 41.03
N GLN C 46 -19.88 -34.76 39.89
CA GLN C 46 -19.11 -34.20 38.78
C GLN C 46 -20.09 -33.52 37.84
N LEU C 47 -19.64 -32.44 37.22
CA LEU C 47 -20.50 -31.67 36.32
C LEU C 47 -20.83 -32.45 35.04
N LEU C 48 -21.96 -32.12 34.43
CA LEU C 48 -22.37 -32.72 33.16
C LEU C 48 -21.41 -32.28 32.06
N LYS C 49 -21.00 -31.02 32.14
CA LYS C 49 -20.06 -30.42 31.21
C LYS C 49 -19.00 -29.71 32.04
N PRO C 50 -18.03 -30.48 32.56
CA PRO C 50 -17.03 -29.98 33.52
C PRO C 50 -15.91 -29.15 32.93
N THR C 51 -16.04 -28.72 31.68
CA THR C 51 -15.06 -27.80 31.11
C THR C 51 -15.73 -26.46 30.77
N GLU C 52 -16.96 -26.54 30.25
CA GLU C 52 -17.78 -25.36 30.02
C GLU C 52 -18.52 -24.84 31.26
N TRP C 53 -18.68 -23.53 31.33
CA TRP C 53 -19.57 -22.92 32.30
C TRP C 53 -20.97 -22.94 31.68
N SER C 54 -21.56 -24.14 31.62
CA SER C 54 -22.80 -24.37 30.89
C SER C 54 -24.07 -23.95 31.63
N TYR C 55 -25.13 -23.69 30.86
CA TYR C 55 -26.45 -23.40 31.42
C TYR C 55 -27.00 -24.58 32.22
N CYS C 56 -26.69 -25.79 31.78
CA CYS C 56 -27.28 -26.99 32.36
C CYS C 56 -26.65 -27.42 33.68
N ASP C 57 -25.62 -26.69 34.12
CA ASP C 57 -24.88 -27.08 35.31
C ASP C 57 -24.99 -26.09 36.46
N TYR C 58 -25.38 -24.86 36.15
CA TYR C 58 -25.27 -23.78 37.13
C TYR C 58 -26.57 -23.05 37.44
N PHE C 59 -27.70 -23.62 37.05
CA PHE C 59 -28.97 -22.95 37.29
C PHE C 59 -30.06 -23.91 37.79
N TRP C 60 -29.71 -24.75 38.76
CA TRP C 60 -30.67 -25.65 39.38
C TRP C 60 -31.27 -25.01 40.61
N ALA C 61 -30.40 -24.50 41.48
CA ALA C 61 -30.83 -23.78 42.66
C ALA C 61 -31.57 -22.50 42.28
N ASP C 62 -32.45 -22.04 43.15
CA ASP C 62 -33.11 -20.77 42.95
C ASP C 62 -32.23 -19.67 43.51
N LYS C 63 -32.30 -18.48 42.92
CA LYS C 63 -31.50 -17.37 43.42
C LYS C 63 -32.23 -16.69 44.57
N LYS C 64 -31.55 -16.56 45.69
CA LYS C 64 -32.07 -15.88 46.86
C LYS C 64 -32.00 -14.38 46.70
N ASP C 65 -33.15 -13.72 46.83
CA ASP C 65 -33.18 -12.26 46.83
C ASP C 65 -32.20 -11.78 47.88
N PRO C 66 -31.43 -10.73 47.56
CA PRO C 66 -30.34 -10.26 48.43
C PRO C 66 -30.83 -9.58 49.71
N GLN C 67 -32.14 -9.41 49.85
CA GLN C 67 -32.70 -8.75 51.02
C GLN C 67 -33.75 -9.62 51.69
N GLY C 68 -34.86 -9.86 50.99
CA GLY C 68 -35.94 -10.65 51.53
C GLY C 68 -35.74 -12.15 51.51
N ASN C 69 -36.83 -12.87 51.77
CA ASN C 69 -36.82 -14.32 51.75
C ASN C 69 -37.55 -14.86 50.54
N GLY C 70 -37.60 -14.07 49.47
CA GLY C 70 -38.23 -14.54 48.26
C GLY C 70 -37.18 -15.12 47.33
N THR C 71 -37.64 -15.91 46.37
CA THR C 71 -36.75 -16.60 45.44
C THR C 71 -37.26 -16.53 44.01
N VAL C 72 -36.34 -16.66 43.06
CA VAL C 72 -36.72 -16.79 41.67
C VAL C 72 -35.95 -18.00 41.11
N ALA C 73 -36.60 -18.74 40.21
CA ALA C 73 -36.00 -19.94 39.64
C ALA C 73 -34.74 -19.63 38.84
N GLY C 74 -33.80 -20.57 38.79
CA GLY C 74 -32.59 -20.39 38.01
C GLY C 74 -32.93 -20.23 36.55
N PHE C 75 -33.94 -20.99 36.11
CA PHE C 75 -34.44 -20.95 34.74
C PHE C 75 -34.94 -19.57 34.34
N GLU C 76 -35.56 -18.89 35.30
CA GLU C 76 -36.12 -17.56 35.08
C GLU C 76 -35.03 -16.58 34.65
N LEU C 77 -33.82 -16.76 35.19
CA LEU C 77 -32.69 -15.91 34.81
C LEU C 77 -32.34 -16.11 33.34
N LEU C 78 -32.35 -17.36 32.88
CA LEU C 78 -32.10 -17.65 31.48
C LEU C 78 -33.16 -17.01 30.60
N LEU C 79 -34.43 -17.17 30.98
CA LEU C 79 -35.52 -16.55 30.23
C LEU C 79 -35.34 -15.04 30.12
N GLN C 80 -35.00 -14.41 31.25
CA GLN C 80 -34.77 -12.98 31.28
C GLN C 80 -33.60 -12.59 30.37
N LYS C 81 -32.59 -13.44 30.30
CA LYS C 81 -31.46 -13.18 29.42
C LYS C 81 -31.86 -13.22 27.94
N GLN C 82 -32.72 -14.18 27.59
CA GLN C 82 -33.23 -14.26 26.22
C GLN C 82 -34.02 -13.00 25.87
N LEU C 83 -34.94 -12.63 26.77
CA LEU C 83 -35.75 -11.44 26.59
C LEU C 83 -34.86 -10.21 26.40
N LYS C 84 -33.86 -10.09 27.25
CA LYS C 84 -32.88 -9.01 27.16
C LYS C 84 -32.20 -8.97 25.80
N GLY C 85 -31.86 -10.15 25.29
CA GLY C 85 -31.26 -10.25 23.96
C GLY C 85 -32.16 -9.68 22.88
N LYS C 86 -33.43 -10.05 22.92
CA LYS C 86 -34.37 -9.60 21.90
C LYS C 86 -34.60 -8.08 21.99
N GLN C 87 -34.76 -7.59 23.22
CA GLN C 87 -34.88 -6.16 23.45
C GLN C 87 -33.68 -5.40 22.92
N GLN C 89 -31.47 -6.34 20.49
CA GLN C 89 -31.39 -6.25 19.03
C GLN C 89 -32.42 -5.24 18.53
N LYS C 90 -33.56 -5.15 19.22
CA LYS C 90 -34.52 -4.09 18.92
C LYS C 90 -33.90 -2.71 19.03
N GLU C 91 -33.26 -2.43 20.15
CA GLU C 91 -32.64 -1.13 20.38
C GLU C 91 -31.54 -0.81 19.37
N SER C 93 -31.53 -1.89 16.32
CA SER C 93 -32.32 -1.54 15.14
C SER C 93 -32.77 -0.08 15.16
N GLU C 94 -33.28 0.38 16.29
CA GLU C 94 -33.70 1.78 16.41
C GLU C 94 -32.52 2.74 16.19
N PHE C 95 -31.37 2.40 16.78
CA PHE C 95 -30.14 3.16 16.56
C PHE C 95 -29.85 3.31 15.07
N ILE C 96 -29.93 2.19 14.36
CA ILE C 96 -29.74 2.20 12.91
C ILE C 96 -30.76 3.09 12.21
N ARG C 97 -32.00 3.06 12.68
CA ARG C 97 -33.03 3.94 12.12
C ARG C 97 -32.64 5.41 12.24
N GLU C 98 -32.14 5.78 13.41
CA GLU C 98 -31.69 7.15 13.64
C GLU C 98 -30.59 7.51 12.64
N ARG C 99 -29.62 6.61 12.48
CA ARG C 99 -28.54 6.82 11.52
C ARG C 99 -29.07 7.05 10.09
N ILE C 100 -30.01 6.20 9.69
CA ILE C 100 -30.65 6.31 8.38
C ILE C 100 -31.31 7.67 8.18
N LYS C 101 -32.09 8.11 9.16
CA LYS C 101 -32.75 9.40 9.09
C LYS C 101 -31.72 10.52 8.90
N ILE C 102 -30.64 10.45 9.67
CA ILE C 102 -29.57 11.44 9.58
C ILE C 102 -29.00 11.49 8.17
N GLU C 103 -28.65 10.33 7.63
CA GLU C 103 -28.12 10.24 6.27
C GLU C 103 -29.08 10.81 5.23
N GLU C 104 -30.38 10.56 5.45
CA GLU C 104 -31.39 11.05 4.53
C GLU C 104 -31.44 12.58 4.52
N GLU C 105 -31.35 13.19 5.71
CA GLU C 105 -31.35 14.65 5.76
C GLU C 105 -30.07 15.22 5.13
N TYR C 106 -28.95 14.55 5.39
CA TYR C 106 -27.67 14.95 4.81
C TYR C 106 -27.76 14.98 3.28
N ALA C 107 -28.31 13.90 2.72
CA ALA C 107 -28.50 13.80 1.28
C ALA C 107 -29.42 14.91 0.78
N LYS C 108 -30.53 15.14 1.48
CA LYS C 108 -31.44 16.23 1.13
C LYS C 108 -30.74 17.58 1.00
N ASN C 109 -30.06 17.98 2.07
CA ASN C 109 -29.34 19.25 2.12
C ASN C 109 -28.31 19.34 1.00
N LEU C 110 -27.56 18.26 0.83
CA LEU C 110 -26.52 18.20 -0.20
C LEU C 110 -27.10 18.40 -1.59
N ALA C 111 -28.25 17.79 -1.84
CA ALA C 111 -28.93 17.92 -3.13
C ALA C 111 -29.42 19.34 -3.39
N LYS C 112 -30.12 19.91 -2.41
CA LYS C 112 -30.65 21.26 -2.56
C LYS C 112 -29.49 22.23 -2.80
N LEU C 113 -28.38 22.02 -2.10
CA LEU C 113 -27.21 22.87 -2.32
C LEU C 113 -26.63 22.64 -3.72
N SER C 114 -26.69 21.40 -4.18
CA SER C 114 -26.20 21.05 -5.52
C SER C 114 -27.01 21.77 -6.59
N GLN C 115 -28.24 22.15 -6.25
CA GLN C 115 -29.10 22.87 -7.19
C GLN C 115 -28.88 24.38 -7.22
N ASN C 116 -27.96 24.89 -6.40
CA ASN C 116 -27.70 26.33 -6.32
C ASN C 116 -27.15 26.92 -7.62
N SER C 117 -27.57 28.15 -7.92
CA SER C 117 -27.17 28.85 -9.13
C SER C 117 -26.07 29.89 -8.90
N LEU C 118 -25.37 29.78 -7.76
CA LEU C 118 -24.28 30.71 -7.46
C LEU C 118 -23.13 30.61 -8.45
N ALA C 119 -22.69 31.76 -8.95
CA ALA C 119 -21.57 31.84 -9.89
C ALA C 119 -21.79 30.99 -11.14
N ALA C 120 -23.05 30.79 -11.50
CA ALA C 120 -23.40 29.98 -12.66
C ALA C 120 -23.03 30.70 -13.94
N GLN C 121 -22.79 32.00 -13.83
CA GLN C 121 -22.53 32.83 -15.01
C GLN C 121 -21.03 32.94 -15.30
N GLU C 122 -20.21 32.21 -14.54
CA GLU C 122 -18.80 32.06 -14.87
C GLU C 122 -18.67 31.17 -16.09
N GLU C 123 -17.96 31.63 -17.11
CA GLU C 123 -17.91 30.90 -18.37
C GLU C 123 -16.54 30.34 -18.70
N GLY C 124 -16.51 29.47 -19.71
CA GLY C 124 -15.29 28.79 -20.13
C GLY C 124 -15.05 27.50 -19.38
N SER C 125 -13.82 27.01 -19.47
CA SER C 125 -13.44 25.76 -18.82
C SER C 125 -13.51 25.87 -17.30
N LEU C 126 -13.26 27.06 -16.79
CA LEU C 126 -13.40 27.33 -15.37
C LEU C 126 -14.86 27.16 -14.98
N GLY C 127 -15.75 27.75 -15.75
CA GLY C 127 -17.18 27.60 -15.54
C GLY C 127 -17.63 26.16 -15.57
N GLU C 128 -17.09 25.39 -16.51
CA GLU C 128 -17.45 23.96 -16.60
C GLU C 128 -16.99 23.18 -15.38
N ALA C 129 -15.75 23.44 -14.96
CA ALA C 129 -15.20 22.77 -13.79
C ALA C 129 -16.03 23.10 -12.55
N TRP C 130 -16.45 24.36 -12.45
CA TRP C 130 -17.31 24.81 -11.36
C TRP C 130 -18.65 24.07 -11.39
N ALA C 131 -19.27 24.02 -12.56
CA ALA C 131 -20.51 23.28 -12.75
C ALA C 131 -20.38 21.83 -12.27
N GLN C 132 -19.27 21.18 -12.61
CA GLN C 132 -19.08 19.80 -12.17
C GLN C 132 -18.86 19.73 -10.66
N VAL C 133 -18.26 20.77 -10.09
CA VAL C 133 -18.12 20.87 -8.64
C VAL C 133 -19.52 20.82 -8.04
N LYS C 134 -20.44 21.59 -8.60
CA LYS C 134 -21.81 21.56 -8.14
C LYS C 134 -22.47 20.18 -8.29
N LYS C 135 -22.31 19.56 -9.46
CA LYS C 135 -22.94 18.25 -9.70
C LYS C 135 -22.44 17.16 -8.76
N SER C 136 -21.16 17.23 -8.41
CA SER C 136 -20.56 16.24 -7.53
C SER C 136 -21.29 16.16 -6.20
N LEU C 137 -21.81 17.29 -5.74
CA LEU C 137 -22.64 17.32 -4.55
C LEU C 137 -23.86 16.43 -4.72
N ALA C 138 -24.54 16.55 -5.86
CA ALA C 138 -25.67 15.69 -6.18
C ALA C 138 -25.27 14.22 -6.19
N ASP C 139 -24.08 13.95 -6.72
CA ASP C 139 -23.57 12.58 -6.77
C ASP C 139 -23.37 12.02 -5.36
N GLU C 140 -22.77 12.84 -4.50
CA GLU C 140 -22.59 12.50 -3.09
C GLU C 140 -23.94 12.20 -2.43
N ALA C 141 -24.92 13.06 -2.73
CA ALA C 141 -26.26 12.90 -2.20
C ALA C 141 -26.82 11.53 -2.59
N GLU C 142 -26.69 11.17 -3.86
CA GLU C 142 -27.17 9.86 -4.32
C GLU C 142 -26.44 8.73 -3.58
N VAL C 143 -25.13 8.88 -3.40
CA VAL C 143 -24.33 7.86 -2.71
C VAL C 143 -24.85 7.62 -1.30
N HIS C 144 -25.01 8.70 -0.55
CA HIS C 144 -25.47 8.60 0.84
C HIS C 144 -26.91 8.09 0.93
N LEU C 145 -27.75 8.50 -0.03
CA LEU C 145 -29.12 8.02 -0.08
C LEU C 145 -29.15 6.50 -0.24
N LYS C 146 -28.38 6.01 -1.21
CA LYS C 146 -28.27 4.57 -1.43
C LYS C 146 -27.72 3.87 -0.19
N PHE C 147 -26.80 4.53 0.49
CA PHE C 147 -26.26 4.03 1.75
C PHE C 147 -27.38 3.81 2.77
N SER C 148 -28.25 4.81 2.91
CA SER C 148 -29.34 4.71 3.87
C SER C 148 -30.32 3.60 3.48
N ALA C 149 -30.60 3.50 2.18
CA ALA C 149 -31.45 2.43 1.67
C ALA C 149 -30.90 1.05 2.04
N LYS C 150 -29.61 0.85 1.82
CA LYS C 150 -28.95 -0.41 2.15
C LYS C 150 -28.90 -0.65 3.66
N LEU C 151 -28.76 0.41 4.45
CA LEU C 151 -28.87 0.29 5.89
C LEU C 151 -30.24 -0.26 6.29
N HIS C 152 -31.29 0.27 5.66
CA HIS C 152 -32.64 -0.21 5.93
C HIS C 152 -32.82 -1.67 5.55
N SER C 153 -32.46 -2.01 4.32
CA SER C 153 -32.68 -3.36 3.80
C SER C 153 -31.82 -4.44 4.47
N GLU C 154 -30.55 -4.14 4.69
CA GLU C 154 -29.57 -5.17 5.07
C GLU C 154 -29.20 -5.19 6.54
N VAL C 155 -29.63 -4.18 7.31
CA VAL C 155 -29.22 -4.10 8.71
C VAL C 155 -30.37 -3.87 9.69
N GLU C 156 -31.12 -2.78 9.50
CA GLU C 156 -32.18 -2.41 10.42
C GLU C 156 -33.30 -3.45 10.44
N LYS C 157 -33.85 -3.72 9.27
CA LYS C 157 -34.95 -4.68 9.14
C LYS C 157 -34.56 -6.11 9.56
N PRO C 158 -33.38 -6.62 9.13
CA PRO C 158 -33.02 -7.95 9.62
C PRO C 158 -32.90 -8.02 11.14
N LEU C 159 -32.32 -7.00 11.74
CA LEU C 159 -32.23 -6.92 13.20
C LEU C 159 -33.62 -6.93 13.82
N ASN C 161 -36.59 -7.91 12.31
CA ASN C 161 -37.43 -9.03 11.92
C ASN C 161 -36.88 -10.39 12.33
N PHE C 162 -35.91 -10.39 13.24
CA PHE C 162 -35.29 -11.64 13.69
C PHE C 162 -36.02 -12.23 14.90
N ARG C 163 -36.53 -13.46 14.75
CA ARG C 163 -37.27 -14.13 15.82
C ARG C 163 -38.43 -13.26 16.25
N GLU C 164 -39.44 -13.35 15.40
CA GLU C 164 -40.70 -12.62 15.46
C GLU C 164 -41.56 -12.94 16.70
N ASN C 165 -42.00 -14.18 16.81
CA ASN C 165 -42.91 -14.56 17.88
C ASN C 165 -42.14 -15.04 19.10
N PHE C 166 -40.86 -14.66 19.19
CA PHE C 166 -40.01 -15.07 20.29
C PHE C 166 -40.69 -14.64 21.58
N LYS C 167 -41.33 -13.47 21.54
CA LYS C 167 -42.02 -12.89 22.68
C LYS C 167 -42.99 -13.89 23.31
N LYS C 168 -43.68 -14.63 22.46
CA LYS C 168 -44.68 -15.58 22.92
C LYS C 168 -44.09 -16.98 23.03
N ASP C 169 -43.07 -17.26 22.22
CA ASP C 169 -42.46 -18.59 22.26
C ASP C 169 -41.89 -18.84 23.63
N LYS C 171 -42.75 -17.42 26.22
CA LYS C 171 -43.82 -17.46 27.21
C LYS C 171 -44.30 -18.89 27.36
N LYS C 172 -44.54 -19.56 26.24
CA LYS C 172 -44.93 -20.97 26.29
C LYS C 172 -43.88 -21.75 27.05
N CYS C 173 -42.63 -21.56 26.65
CA CYS C 173 -41.52 -22.26 27.27
C CYS C 173 -41.60 -22.08 28.77
N ASP C 174 -41.80 -20.84 29.19
CA ASP C 174 -41.91 -20.53 30.60
C ASP C 174 -42.94 -21.43 31.23
N HIS C 175 -44.17 -21.33 30.72
CA HIS C 175 -45.28 -22.06 31.29
C HIS C 175 -44.96 -23.54 31.40
N HIS C 176 -44.28 -24.09 30.40
CA HIS C 176 -43.93 -25.50 30.43
C HIS C 176 -43.24 -25.82 31.73
N ILE C 177 -42.06 -25.22 31.92
CA ILE C 177 -41.27 -25.48 33.10
C ILE C 177 -42.10 -25.16 34.34
N ALA C 178 -42.87 -24.08 34.25
CA ALA C 178 -43.65 -23.62 35.39
C ALA C 178 -44.58 -24.72 35.85
N ASP C 179 -45.27 -25.35 34.90
CA ASP C 179 -46.23 -26.37 35.26
C ASP C 179 -45.50 -27.53 35.94
N LEU C 180 -44.34 -27.86 35.39
CA LEU C 180 -43.56 -28.94 35.98
C LEU C 180 -43.24 -28.61 37.42
N ARG C 181 -42.78 -27.38 37.66
CA ARG C 181 -42.42 -26.98 39.01
C ARG C 181 -43.66 -27.02 39.90
N LYS C 182 -44.80 -26.62 39.33
CA LYS C 182 -46.04 -26.65 40.08
C LYS C 182 -46.28 -28.07 40.54
N GLN C 183 -46.17 -29.01 39.60
CA GLN C 183 -46.37 -30.41 39.91
C GLN C 183 -45.46 -30.81 41.04
N LEU C 184 -44.19 -30.42 40.93
CA LEU C 184 -43.21 -30.78 41.94
C LEU C 184 -43.66 -30.28 43.30
N ALA C 185 -44.07 -29.01 43.34
CA ALA C 185 -44.49 -28.42 44.60
C ALA C 185 -45.61 -29.23 45.19
N SER C 186 -46.59 -29.55 44.35
CA SER C 186 -47.74 -30.33 44.76
C SER C 186 -47.27 -31.63 45.41
N ARG C 187 -46.41 -32.35 44.70
CA ARG C 187 -45.93 -33.62 45.21
C ARG C 187 -45.24 -33.43 46.55
N TYR C 188 -44.42 -32.39 46.63
CA TYR C 188 -43.69 -32.12 47.86
C TYR C 188 -44.69 -31.93 48.99
N ALA C 189 -45.75 -31.16 48.72
CA ALA C 189 -46.76 -30.91 49.72
C ALA C 189 -47.30 -32.23 50.24
N SER C 190 -47.67 -33.11 49.31
CA SER C 190 -48.23 -34.40 49.70
C SER C 190 -47.28 -35.12 50.63
N VAL C 191 -46.00 -35.12 50.27
CA VAL C 191 -45.00 -35.81 51.07
C VAL C 191 -45.01 -35.27 52.49
N GLU C 192 -45.01 -33.95 52.62
CA GLU C 192 -44.98 -33.35 53.96
C GLU C 192 -46.21 -33.76 54.72
N LYS C 193 -47.36 -33.71 54.03
CA LYS C 193 -48.62 -34.08 54.63
C LYS C 193 -48.52 -35.52 55.14
N ALA C 194 -47.94 -36.38 54.29
CA ALA C 194 -47.83 -37.77 54.66
C ALA C 194 -46.97 -37.92 55.91
N ARG C 195 -45.86 -37.18 55.94
CA ARG C 195 -44.96 -37.27 57.08
C ARG C 195 -45.71 -36.88 58.33
N LYS C 196 -46.52 -35.83 58.20
CA LYS C 196 -47.31 -35.35 59.32
C LYS C 196 -48.09 -36.52 59.87
N ALA C 197 -48.91 -37.13 59.01
CA ALA C 197 -49.77 -38.22 59.43
C ALA C 197 -48.96 -39.32 60.07
N LEU C 198 -47.81 -39.62 59.48
CA LEU C 198 -47.01 -40.72 59.97
C LEU C 198 -46.64 -40.45 61.40
N THR C 199 -46.06 -39.28 61.65
CA THR C 199 -45.57 -39.00 62.99
C THR C 199 -46.70 -39.07 63.98
N GLU C 200 -47.87 -38.56 63.59
CA GLU C 200 -49.02 -38.60 64.48
C GLU C 200 -49.33 -40.03 64.82
N ARG C 201 -49.45 -40.86 63.79
CA ARG C 201 -49.80 -42.25 64.03
C ARG C 201 -48.77 -42.88 64.94
N GLN C 202 -47.49 -42.57 64.68
CA GLN C 202 -46.43 -43.12 65.52
C GLN C 202 -46.64 -42.72 66.96
N LYS C 203 -46.88 -41.42 67.18
CA LYS C 203 -47.07 -40.95 68.53
C LYS C 203 -48.27 -41.65 69.14
N ASP C 204 -49.32 -41.79 68.33
CA ASP C 204 -50.56 -42.40 68.77
C ASP C 204 -50.32 -43.83 69.21
N LEU C 205 -49.35 -44.49 68.57
CA LEU C 205 -49.02 -45.86 68.95
C LEU C 205 -48.27 -45.85 70.26
N GLU C 206 -47.29 -44.95 70.38
CA GLU C 206 -46.46 -44.89 71.58
C GLU C 206 -47.33 -44.62 72.80
N LYS C 208 -50.42 -45.26 73.12
CA LYS C 208 -51.28 -46.39 73.42
C LYS C 208 -50.49 -47.52 74.06
N THR C 209 -49.17 -47.55 73.81
CA THR C 209 -48.32 -48.50 74.52
C THR C 209 -48.11 -48.02 75.95
N GLN C 210 -48.25 -46.72 76.17
CA GLN C 210 -48.17 -46.16 77.51
C GLN C 210 -49.44 -46.54 78.26
N GLN C 211 -50.53 -46.63 77.52
CA GLN C 211 -51.83 -47.05 78.04
C GLN C 211 -51.75 -48.50 78.56
N LEU C 212 -50.76 -49.23 78.09
CA LEU C 212 -50.53 -50.60 78.54
C LEU C 212 -50.07 -50.59 79.99
N GLU C 213 -49.44 -49.49 80.39
CA GLU C 213 -49.03 -49.30 81.78
C GLU C 213 -50.27 -49.16 82.67
N ILE C 214 -50.57 -47.93 83.07
CA ILE C 214 -51.71 -47.54 83.92
C ILE C 214 -52.76 -48.58 84.35
N LYS C 215 -54.00 -48.45 83.88
CA LYS C 215 -55.04 -49.43 84.20
C LYS C 215 -55.30 -50.30 82.98
N LEU C 216 -54.40 -51.24 82.74
CA LEU C 216 -54.54 -52.28 81.72
C LEU C 216 -55.97 -52.74 81.42
N SER C 217 -56.26 -52.99 80.14
CA SER C 217 -57.49 -53.70 79.78
C SER C 217 -57.27 -54.59 78.55
N ASN C 218 -58.33 -55.26 78.11
CA ASN C 218 -58.23 -56.24 77.03
C ASN C 218 -58.52 -55.69 75.63
N LYS C 219 -59.26 -54.58 75.58
CA LYS C 219 -59.56 -53.91 74.31
C LYS C 219 -58.41 -52.99 73.88
N THR C 220 -57.63 -52.55 74.86
CA THR C 220 -56.55 -51.61 74.58
C THR C 220 -55.45 -52.26 73.75
N GLU C 221 -55.14 -53.53 74.02
CA GLU C 221 -54.11 -54.22 73.27
C GLU C 221 -54.50 -54.38 71.80
N GLU C 222 -55.79 -54.65 71.56
CA GLU C 222 -56.27 -54.81 70.19
C GLU C 222 -56.33 -53.47 69.48
N ASP C 223 -56.54 -52.41 70.24
CA ASP C 223 -56.45 -51.08 69.67
C ASP C 223 -54.99 -50.70 69.39
N ILE C 224 -54.07 -51.31 70.13
CA ILE C 224 -52.64 -51.12 69.88
C ILE C 224 -52.29 -51.85 68.58
N LYS C 225 -53.02 -52.94 68.32
CA LYS C 225 -52.84 -53.69 67.09
C LYS C 225 -53.35 -52.85 65.92
N LYS C 226 -54.52 -52.25 66.09
CA LYS C 226 -55.06 -51.34 65.10
C LYS C 226 -54.12 -50.16 64.84
N ALA C 227 -53.52 -49.65 65.92
CA ALA C 227 -52.60 -48.52 65.85
C ALA C 227 -51.34 -48.86 65.07
N ARG C 228 -50.76 -50.03 65.35
CA ARG C 228 -49.58 -50.51 64.65
C ARG C 228 -49.88 -50.65 63.15
N ARG C 229 -50.99 -51.31 62.89
CA ARG C 229 -51.51 -51.52 61.53
C ARG C 229 -51.63 -50.19 60.76
N LYS C 230 -52.44 -49.27 61.28
CA LYS C 230 -52.63 -47.96 60.66
C LYS C 230 -51.32 -47.20 60.51
N SER C 231 -50.40 -47.43 61.44
CA SER C 231 -49.10 -46.75 61.41
C SER C 231 -48.28 -47.23 60.21
N THR C 232 -48.14 -48.55 60.06
CA THR C 232 -47.42 -49.10 58.93
C THR C 232 -48.08 -48.70 57.61
N GLN C 233 -49.41 -48.62 57.62
CA GLN C 233 -50.13 -48.15 56.45
C GLN C 233 -49.72 -46.72 56.09
N ALA C 234 -49.64 -45.86 57.10
CA ALA C 234 -49.18 -44.49 56.92
C ALA C 234 -47.75 -44.44 56.38
N GLY C 235 -46.92 -45.36 56.82
CA GLY C 235 -45.56 -45.45 56.32
C GLY C 235 -45.52 -45.80 54.84
N ASP C 236 -46.39 -46.72 54.43
CA ASP C 236 -46.45 -47.11 53.03
C ASP C 236 -46.95 -45.94 52.18
N ASP C 237 -47.91 -45.20 52.72
CA ASP C 237 -48.43 -44.01 52.06
C ASP C 237 -47.30 -43.00 51.85
N LEU C 238 -46.47 -42.83 52.88
CA LEU C 238 -45.30 -41.98 52.79
C LEU C 238 -44.36 -42.41 51.66
N ARG C 240 -44.92 -44.21 49.05
CA ARG C 240 -45.62 -43.90 47.81
C ARG C 240 -45.46 -42.45 47.37
N CYS C 241 -45.82 -41.53 48.26
CA CYS C 241 -45.74 -40.10 47.99
C CYS C 241 -44.31 -39.68 47.62
N VAL C 242 -43.33 -40.25 48.32
CA VAL C 242 -41.93 -39.96 48.04
C VAL C 242 -41.54 -40.40 46.62
N ASP C 243 -42.00 -41.59 46.24
CA ASP C 243 -41.74 -42.10 44.90
C ASP C 243 -42.31 -41.17 43.82
N LEU C 244 -43.56 -40.75 44.01
CA LEU C 244 -44.22 -39.90 43.02
C LEU C 244 -43.50 -38.55 42.93
N TYR C 245 -43.02 -38.07 44.08
CA TYR C 245 -42.22 -36.85 44.12
C TYR C 245 -40.96 -37.00 43.28
N ASN C 246 -40.20 -38.05 43.55
CA ASN C 246 -38.96 -38.29 42.81
C ASN C 246 -39.20 -38.38 41.30
N GLN C 247 -40.30 -39.01 40.91
CA GLN C 247 -40.66 -39.09 39.50
C GLN C 247 -40.86 -37.69 38.93
N ALA C 248 -41.66 -36.89 39.63
CA ALA C 248 -41.90 -35.50 39.21
C ALA C 248 -40.60 -34.72 39.03
N GLN C 249 -39.70 -34.89 39.99
CA GLN C 249 -38.42 -34.20 39.96
C GLN C 249 -37.57 -34.67 38.78
N SER C 250 -37.71 -35.94 38.42
CA SER C 250 -36.96 -36.47 37.28
C SER C 250 -37.48 -35.88 35.97
N LYS C 251 -38.80 -35.74 35.88
CA LYS C 251 -39.41 -35.12 34.71
C LYS C 251 -38.91 -33.68 34.53
N TRP C 252 -39.07 -32.91 35.60
CA TRP C 252 -38.57 -31.53 35.63
C TRP C 252 -37.10 -31.47 35.28
N PHE C 253 -36.33 -32.44 35.77
CA PHE C 253 -34.89 -32.48 35.55
C PHE C 253 -34.52 -32.64 34.07
N GLU C 254 -35.00 -33.72 33.46
CA GLU C 254 -34.67 -33.99 32.06
C GLU C 254 -35.13 -32.85 31.17
N GLU C 255 -36.34 -32.38 31.42
CA GLU C 255 -36.89 -31.28 30.65
C GLU C 255 -36.00 -30.05 30.77
N VAL C 257 -32.82 -29.94 31.45
CA VAL C 257 -31.56 -30.16 30.74
C VAL C 257 -31.69 -29.83 29.26
N THR C 258 -32.62 -30.52 28.60
CA THR C 258 -32.79 -30.31 27.16
C THR C 258 -33.11 -28.85 26.83
N THR C 259 -33.97 -28.26 27.65
CA THR C 259 -34.41 -26.88 27.42
C THR C 259 -33.28 -25.88 27.59
N THR C 260 -32.47 -26.03 28.64
CA THR C 260 -31.36 -25.13 28.87
C THR C 260 -30.33 -25.25 27.74
N LEU C 261 -30.12 -26.46 27.24
CA LEU C 261 -29.21 -26.61 26.10
C LEU C 261 -29.76 -25.88 24.88
N GLU C 262 -31.08 -25.98 24.68
CA GLU C 262 -31.74 -25.24 23.62
C GLU C 262 -31.56 -23.72 23.73
N LEU C 263 -31.79 -23.16 24.91
CA LEU C 263 -31.63 -21.73 25.14
C LEU C 263 -30.21 -21.27 24.88
N GLU C 264 -29.26 -22.10 25.30
CA GLU C 264 -27.84 -21.86 25.09
C GLU C 264 -27.58 -21.73 23.59
N ARG C 265 -28.11 -22.70 22.85
CA ARG C 265 -28.02 -22.76 21.40
C ARG C 265 -28.55 -21.47 20.77
N LEU C 266 -29.75 -21.06 21.22
CA LEU C 266 -30.42 -19.87 20.72
C LEU C 266 -29.62 -18.60 20.94
N GLU C 267 -29.06 -18.46 22.13
CA GLU C 267 -28.24 -17.30 22.46
C GLU C 267 -27.04 -17.25 21.51
N VAL C 268 -26.42 -18.41 21.30
CA VAL C 268 -25.29 -18.48 20.39
C VAL C 268 -25.66 -17.99 18.99
N GLU C 269 -26.74 -18.52 18.43
CA GLU C 269 -27.10 -18.15 17.07
C GLU C 269 -27.52 -16.67 16.97
N ARG C 270 -28.11 -16.14 18.04
CA ARG C 270 -28.41 -14.71 18.12
C ARG C 270 -27.15 -13.88 17.99
N VAL C 271 -26.18 -14.17 18.85
CA VAL C 271 -24.91 -13.45 18.83
C VAL C 271 -24.28 -13.52 17.43
N GLU C 272 -24.32 -14.70 16.83
CA GLU C 272 -23.74 -14.89 15.51
C GLU C 272 -24.43 -14.03 14.45
N ILE C 274 -26.10 -11.23 14.93
CA ILE C 274 -25.80 -9.84 15.20
C ILE C 274 -24.40 -9.46 14.68
N ARG C 275 -23.42 -10.32 14.96
CA ARG C 275 -22.07 -10.13 14.42
C ARG C 275 -22.12 -10.02 12.90
N GLN C 276 -22.88 -10.92 12.29
CA GLN C 276 -23.06 -10.96 10.84
C GLN C 276 -23.53 -9.62 10.27
N HIS C 277 -24.62 -9.11 10.82
CA HIS C 277 -25.21 -7.89 10.28
C HIS C 277 -24.42 -6.63 10.64
N LEU C 278 -23.67 -6.67 11.73
CA LEU C 278 -22.80 -5.55 12.05
C LEU C 278 -21.61 -5.52 11.08
N CYS C 279 -21.13 -6.70 10.72
CA CYS C 279 -20.09 -6.79 9.69
C CYS C 279 -20.63 -6.24 8.37
N GLN C 280 -21.90 -6.52 8.11
CA GLN C 280 -22.57 -5.93 6.95
C GLN C 280 -22.55 -4.40 7.00
N TYR C 281 -22.94 -3.85 8.15
CA TYR C 281 -22.89 -2.41 8.38
C TYR C 281 -21.51 -1.86 8.04
N THR C 282 -20.47 -2.53 8.52
CA THR C 282 -19.10 -2.12 8.24
C THR C 282 -18.83 -2.08 6.74
N GLN C 283 -19.24 -3.14 6.04
CA GLN C 283 -19.06 -3.21 4.59
C GLN C 283 -19.71 -2.02 3.90
N LEU C 284 -20.94 -1.73 4.30
CA LEU C 284 -21.70 -0.63 3.74
C LEU C 284 -20.98 0.69 3.95
N ARG C 285 -20.44 0.88 5.16
CA ARG C 285 -19.67 2.08 5.46
C ARG C 285 -18.49 2.24 4.49
N HIS C 286 -17.69 1.17 4.40
CA HIS C 286 -16.52 1.15 3.52
C HIS C 286 -16.86 1.53 2.09
N GLU C 287 -17.79 0.79 1.50
CA GLU C 287 -18.10 0.98 0.09
C GLU C 287 -18.75 2.34 -0.14
N THR C 288 -19.46 2.85 0.87
CA THR C 288 -20.08 4.16 0.75
C THR C 288 -19.04 5.27 0.71
N ASP C 289 -18.02 5.18 1.55
CA ASP C 289 -16.97 6.20 1.51
C ASP C 289 -16.09 6.06 0.27
N PHE C 291 -17.22 4.94 -2.79
CA PHE C 291 -18.10 5.55 -3.78
C PHE C 291 -18.09 7.07 -3.69
N ASN C 292 -18.19 7.57 -2.46
CA ASN C 292 -18.19 9.01 -2.23
C ASN C 292 -16.90 9.64 -2.72
N GLN C 293 -15.78 8.99 -2.40
CA GLN C 293 -14.48 9.46 -2.86
C GLN C 293 -14.39 9.50 -4.39
N SER C 294 -15.05 8.57 -5.05
CA SER C 294 -14.95 8.47 -6.51
C SER C 294 -15.70 9.58 -7.25
N THR C 295 -16.41 10.42 -6.51
CA THR C 295 -17.25 11.45 -7.13
C THR C 295 -16.49 12.73 -7.47
N VAL C 296 -15.28 12.89 -6.94
CA VAL C 296 -14.50 14.09 -7.20
C VAL C 296 -13.58 13.90 -8.40
N GLU C 297 -13.44 12.66 -8.87
CA GLU C 297 -12.63 12.34 -10.03
C GLU C 297 -13.04 13.12 -11.30
N PRO C 298 -14.36 13.22 -11.59
CA PRO C 298 -14.74 14.05 -12.73
C PRO C 298 -14.35 15.52 -12.54
N VAL C 299 -14.55 16.03 -11.33
CA VAL C 299 -14.17 17.39 -11.01
C VAL C 299 -12.68 17.59 -11.27
N ASP C 300 -11.87 16.64 -10.81
CA ASP C 300 -10.43 16.70 -11.06
C ASP C 300 -10.10 16.71 -12.55
N GLN C 301 -10.72 15.81 -13.30
CA GLN C 301 -10.48 15.71 -14.74
C GLN C 301 -10.83 17.01 -15.46
N LEU C 302 -11.91 17.68 -15.04
CA LEU C 302 -12.28 18.96 -15.66
C LEU C 302 -11.33 20.06 -15.20
N LEU C 303 -10.87 19.96 -13.95
CA LEU C 303 -9.95 20.92 -13.38
C LEU C 303 -8.61 20.91 -14.12
N ARG C 304 -8.22 19.74 -14.63
CA ARG C 304 -7.00 19.66 -15.42
C ARG C 304 -7.19 20.39 -16.75
N LYS C 305 -8.42 20.42 -17.24
CA LYS C 305 -8.75 21.01 -18.53
C LYS C 305 -8.94 22.52 -18.47
N VAL C 306 -8.72 23.11 -17.30
CA VAL C 306 -8.89 24.56 -17.17
C VAL C 306 -7.72 25.27 -17.87
N ASP C 307 -8.05 26.12 -18.83
CA ASP C 307 -7.04 26.85 -19.59
C ASP C 307 -7.42 28.32 -19.65
N PRO C 308 -6.65 29.17 -18.97
CA PRO C 308 -6.85 30.63 -18.94
C PRO C 308 -6.80 31.26 -20.33
N ALA C 309 -5.84 30.82 -21.15
CA ALA C 309 -5.66 31.36 -22.49
C ALA C 309 -6.88 31.13 -23.37
N LYS C 310 -7.38 29.90 -23.39
CA LYS C 310 -8.57 29.57 -24.16
C LYS C 310 -9.80 30.30 -23.67
N ASP C 311 -9.93 30.42 -22.35
CA ASP C 311 -10.99 31.20 -21.73
C ASP C 311 -10.98 32.62 -22.29
N ARG C 312 -9.80 33.24 -22.21
CA ARG C 312 -9.60 34.59 -22.73
C ARG C 312 -9.97 34.68 -24.21
N GLU C 313 -9.50 33.73 -25.02
CA GLU C 313 -9.80 33.73 -26.45
C GLU C 313 -11.30 33.64 -26.74
N LEU C 314 -11.99 32.78 -26.00
CA LEU C 314 -13.42 32.59 -26.13
C LEU C 314 -14.14 33.90 -25.81
N TRP C 315 -13.71 34.55 -24.74
CA TRP C 315 -14.34 35.80 -24.32
C TRP C 315 -14.08 36.95 -25.30
N VAL C 316 -12.83 37.09 -25.73
CA VAL C 316 -12.42 38.17 -26.63
C VAL C 316 -13.05 38.03 -28.01
N ARG C 317 -13.18 36.80 -28.50
CA ARG C 317 -13.81 36.57 -29.80
C ARG C 317 -15.24 37.09 -29.81
N GLU C 318 -15.92 37.01 -28.68
CA GLU C 318 -17.31 37.46 -28.57
C GLU C 318 -17.41 38.92 -28.14
N HIS C 319 -16.34 39.48 -27.58
CA HIS C 319 -16.44 40.81 -27.00
C HIS C 319 -15.45 41.84 -27.56
N LYS C 320 -14.68 41.47 -28.59
CA LYS C 320 -13.74 42.41 -29.20
C LYS C 320 -14.45 43.62 -29.80
N THR C 321 -13.79 44.77 -29.76
CA THR C 321 -14.33 45.98 -30.38
C THR C 321 -13.66 46.26 -31.73
N GLY C 322 -12.56 45.56 -32.00
CA GLY C 322 -11.82 45.71 -33.24
C GLY C 322 -10.35 45.43 -33.01
N ASN C 323 -9.65 45.03 -34.07
CA ASN C 323 -8.27 44.55 -33.92
C ASN C 323 -7.20 45.46 -34.52
N ILE C 324 -7.55 46.72 -34.75
CA ILE C 324 -6.60 47.69 -35.30
C ILE C 324 -6.07 48.65 -34.22
N ARG C 325 -4.77 48.90 -34.23
CA ARG C 325 -4.15 49.82 -33.29
C ARG C 325 -4.20 51.25 -33.84
N PRO C 326 -4.22 52.25 -32.95
CA PRO C 326 -4.19 53.65 -33.38
C PRO C 326 -2.85 54.01 -34.03
N VAL C 327 -2.86 55.10 -34.80
CA VAL C 327 -1.66 55.61 -35.44
C VAL C 327 -1.64 57.13 -35.35
N ASP C 328 -0.58 57.74 -35.89
CA ASP C 328 -0.43 59.19 -35.86
C ASP C 328 -1.27 59.83 -36.97
N GLU C 330 -1.81 62.58 -40.11
CA GLU C 330 -0.91 62.85 -41.23
C GLU C 330 -0.57 64.34 -41.31
N ASN D 27 -5.20 58.02 -46.12
CA ASN D 27 -4.17 58.37 -45.16
C ASN D 27 -4.49 57.89 -43.75
N THR D 28 -5.07 58.76 -42.93
CA THR D 28 -5.63 58.33 -41.66
C THR D 28 -7.13 58.63 -41.56
N ILE D 29 -7.75 58.18 -40.48
CA ILE D 29 -9.16 58.47 -40.21
C ILE D 29 -9.31 58.64 -38.70
N THR D 30 -10.13 59.58 -38.25
CA THR D 30 -10.30 59.77 -36.82
C THR D 30 -11.73 59.44 -36.39
N ILE D 31 -11.86 58.50 -35.46
CA ILE D 31 -13.16 58.14 -34.92
C ILE D 31 -13.17 58.31 -33.40
N ASN D 32 -14.13 59.09 -32.91
CA ASN D 32 -14.24 59.36 -31.48
C ASN D 32 -12.91 59.89 -30.96
N CYS D 33 -12.33 60.82 -31.73
CA CYS D 33 -11.08 61.52 -31.41
C CYS D 33 -9.87 60.59 -31.48
N VAL D 34 -10.08 59.34 -31.88
CA VAL D 34 -8.97 58.39 -32.01
C VAL D 34 -8.68 58.11 -33.47
N THR D 35 -7.40 58.11 -33.83
CA THR D 35 -6.98 57.92 -35.22
C THR D 35 -6.54 56.50 -35.52
N PHE D 36 -7.06 55.97 -36.63
CA PHE D 36 -6.72 54.66 -37.12
C PHE D 36 -6.23 54.81 -38.56
N PRO D 37 -5.39 53.88 -39.03
CA PRO D 37 -4.92 53.81 -40.41
C PRO D 37 -6.06 53.63 -41.41
N HIS D 38 -5.76 53.80 -42.69
CA HIS D 38 -6.81 53.84 -43.70
C HIS D 38 -6.81 52.47 -44.35
N PRO D 39 -7.94 51.76 -44.24
CA PRO D 39 -8.08 50.33 -44.52
C PRO D 39 -7.68 49.88 -45.92
N ASP D 40 -7.59 50.80 -46.88
CA ASP D 40 -7.29 50.39 -48.25
C ASP D 40 -5.79 50.14 -48.44
N THR D 41 -4.96 51.08 -48.00
CA THR D 41 -3.51 50.92 -48.09
C THR D 41 -2.99 50.29 -46.81
N PRO D 43 -0.11 48.03 -45.75
CA PRO D 43 1.12 47.26 -45.54
C PRO D 43 1.07 46.70 -44.12
N GLU D 44 0.24 47.36 -43.32
CA GLU D 44 0.01 47.02 -41.92
C GLU D 44 -0.96 45.82 -41.89
N GLN D 45 -1.47 45.37 -40.74
CA GLN D 45 -0.97 45.68 -39.40
C GLN D 45 -0.78 44.38 -38.64
N GLN D 46 0.40 44.19 -38.06
CA GLN D 46 0.64 42.96 -37.33
C GLN D 46 0.24 43.16 -35.87
N LEU D 47 -0.32 42.11 -35.29
CA LEU D 47 -0.81 42.16 -33.92
C LEU D 47 0.35 42.27 -32.95
N LEU D 48 0.12 42.87 -31.80
CA LEU D 48 1.16 43.01 -30.79
C LEU D 48 1.58 41.66 -30.21
N LYS D 49 0.60 40.79 -29.95
CA LYS D 49 0.89 39.50 -29.36
C LYS D 49 0.20 38.31 -30.04
N PRO D 50 0.72 37.88 -31.19
CA PRO D 50 0.15 36.75 -31.95
C PRO D 50 0.61 35.41 -31.40
N THR D 51 -0.30 34.45 -31.24
CA THR D 51 -1.72 34.70 -31.44
C THR D 51 -2.45 34.51 -30.12
N GLU D 52 -2.00 35.23 -29.10
CA GLU D 52 -2.75 35.29 -27.87
C GLU D 52 -3.85 36.28 -28.15
N TRP D 53 -5.04 36.02 -27.64
CA TRP D 53 -6.11 37.00 -27.75
C TRP D 53 -5.98 37.99 -26.61
N SER D 54 -4.98 38.86 -26.71
CA SER D 54 -4.60 39.72 -25.62
C SER D 54 -5.55 40.91 -25.53
N TYR D 55 -5.66 41.46 -24.32
CA TYR D 55 -6.47 42.64 -24.08
C TYR D 55 -5.96 43.86 -24.84
N CYS D 56 -4.65 43.92 -25.06
CA CYS D 56 -4.02 45.10 -25.64
C CYS D 56 -4.19 45.20 -27.15
N ASP D 57 -4.89 44.23 -27.74
CA ASP D 57 -5.02 44.18 -29.19
C ASP D 57 -6.44 44.38 -29.71
N TYR D 58 -7.44 44.15 -28.86
CA TYR D 58 -8.81 44.07 -29.37
C TYR D 58 -9.80 45.04 -28.72
N PHE D 59 -9.31 46.04 -28.01
CA PHE D 59 -10.21 46.96 -27.31
C PHE D 59 -9.79 48.41 -27.43
N TRP D 60 -9.44 48.81 -28.64
CA TRP D 60 -9.07 50.19 -28.94
C TRP D 60 -10.29 50.98 -29.36
N ALA D 61 -11.05 50.41 -30.27
CA ALA D 61 -12.31 50.99 -30.72
C ALA D 61 -13.30 51.10 -29.56
N ASP D 62 -14.20 52.07 -29.65
CA ASP D 62 -15.27 52.18 -28.67
C ASP D 62 -16.41 51.28 -29.08
N LYS D 63 -17.14 50.76 -28.09
CA LYS D 63 -18.26 49.86 -28.32
C LYS D 63 -19.54 50.64 -28.64
N LYS D 64 -20.23 50.23 -29.69
CA LYS D 64 -21.49 50.87 -30.05
C LYS D 64 -22.56 50.46 -29.05
N ASP D 65 -22.35 50.91 -27.82
CA ASP D 65 -23.25 50.74 -26.68
C ASP D 65 -24.65 51.29 -26.93
N PRO D 66 -25.67 50.62 -26.36
CA PRO D 66 -27.07 51.00 -26.56
C PRO D 66 -27.40 52.31 -25.82
N GLN D 67 -28.39 52.27 -24.93
CA GLN D 67 -28.83 53.47 -24.22
C GLN D 67 -29.23 54.59 -25.17
N GLY D 68 -28.58 55.74 -25.04
CA GLY D 68 -28.86 56.87 -25.89
C GLY D 68 -28.15 56.72 -27.22
N ASN D 69 -27.77 55.47 -27.53
CA ASN D 69 -27.09 55.11 -28.76
C ASN D 69 -25.77 55.87 -28.93
N GLY D 70 -25.17 56.23 -27.80
CA GLY D 70 -23.88 56.90 -27.78
C GLY D 70 -22.75 55.88 -27.79
N THR D 71 -21.63 56.23 -27.17
CA THR D 71 -20.47 55.36 -27.18
C THR D 71 -19.85 55.18 -25.78
N VAL D 72 -19.20 54.04 -25.57
CA VAL D 72 -18.43 53.80 -24.36
C VAL D 72 -17.07 53.21 -24.77
N ALA D 73 -16.02 53.54 -24.01
CA ALA D 73 -14.68 53.06 -24.32
C ALA D 73 -14.57 51.54 -24.23
N GLY D 74 -13.68 50.97 -25.03
CA GLY D 74 -13.41 49.55 -25.02
C GLY D 74 -12.88 49.07 -23.69
N PHE D 75 -12.11 49.92 -23.03
CA PHE D 75 -11.50 49.64 -21.74
C PHE D 75 -12.55 49.26 -20.68
N GLU D 76 -13.71 49.90 -20.78
CA GLU D 76 -14.82 49.66 -19.85
C GLU D 76 -15.28 48.21 -19.85
N LEU D 77 -15.22 47.56 -21.01
CA LEU D 77 -15.60 46.15 -21.10
C LEU D 77 -14.65 45.31 -20.27
N LEU D 78 -13.36 45.62 -20.37
CA LEU D 78 -12.32 44.95 -19.61
C LEU D 78 -12.55 45.11 -18.11
N LEU D 79 -12.78 46.36 -17.69
CA LEU D 79 -13.05 46.64 -16.28
C LEU D 79 -14.27 45.88 -15.76
N GLN D 80 -15.35 45.88 -16.55
CA GLN D 80 -16.55 45.14 -16.18
C GLN D 80 -16.26 43.65 -16.07
N LYS D 81 -15.39 43.15 -16.94
CA LYS D 81 -15.00 41.74 -16.90
C LYS D 81 -14.29 41.45 -15.59
N GLN D 82 -13.45 42.40 -15.16
CA GLN D 82 -12.77 42.27 -13.87
C GLN D 82 -13.78 42.21 -12.72
N LEU D 83 -14.72 43.15 -12.72
CA LEU D 83 -15.74 43.24 -11.69
C LEU D 83 -16.55 41.95 -11.56
N LYS D 84 -17.07 41.47 -12.69
CA LYS D 84 -17.81 40.22 -12.70
C LYS D 84 -16.93 39.08 -12.21
N GLY D 85 -15.65 39.12 -12.61
CA GLY D 85 -14.69 38.13 -12.18
C GLY D 85 -14.61 38.03 -10.67
N LYS D 86 -14.53 39.16 -9.99
CA LYS D 86 -14.48 39.17 -8.53
C LYS D 86 -15.80 38.71 -7.90
N GLN D 87 -16.90 39.16 -8.51
CA GLN D 87 -18.24 38.76 -8.07
C GLN D 87 -18.39 37.24 -8.06
N GLN D 89 -16.01 34.79 -7.78
CA GLN D 89 -15.29 34.10 -6.73
C GLN D 89 -15.94 34.37 -5.37
N LYS D 90 -16.51 35.57 -5.21
CA LYS D 90 -17.29 35.83 -4.00
C LYS D 90 -18.43 34.83 -3.87
N GLU D 91 -19.20 34.67 -4.93
CA GLU D 91 -20.34 33.75 -4.92
C GLU D 91 -19.89 32.31 -4.67
N SER D 93 -17.27 31.34 -2.99
CA SER D 93 -16.97 31.29 -1.57
C SER D 93 -18.25 31.10 -0.75
N GLU D 94 -19.28 31.86 -1.09
CA GLU D 94 -20.57 31.75 -0.40
C GLU D 94 -21.15 30.32 -0.49
N PHE D 95 -21.06 29.75 -1.67
CA PHE D 95 -21.44 28.35 -1.90
C PHE D 95 -20.70 27.42 -0.94
N ILE D 96 -19.38 27.63 -0.86
CA ILE D 96 -18.55 26.82 0.04
C ILE D 96 -19.02 26.96 1.49
N ARG D 97 -19.39 28.19 1.86
CA ARG D 97 -19.93 28.47 3.19
C ARG D 97 -21.17 27.62 3.46
N GLU D 98 -22.05 27.56 2.47
CA GLU D 98 -23.24 26.72 2.60
C GLU D 98 -22.86 25.26 2.83
N ARG D 99 -21.90 24.77 2.05
CA ARG D 99 -21.44 23.39 2.23
C ARG D 99 -20.97 23.18 3.67
N ILE D 100 -20.19 24.13 4.17
CA ILE D 100 -19.71 24.10 5.55
C ILE D 100 -20.86 23.96 6.54
N LYS D 101 -21.90 24.78 6.37
CA LYS D 101 -23.07 24.66 7.25
C LYS D 101 -23.67 23.25 7.21
N ILE D 102 -23.80 22.69 6.00
CA ILE D 102 -24.33 21.33 5.87
C ILE D 102 -23.48 20.33 6.66
N GLU D 103 -22.17 20.39 6.46
CA GLU D 103 -21.24 19.51 7.15
C GLU D 103 -21.34 19.66 8.67
N GLU D 104 -21.51 20.88 9.14
CA GLU D 104 -21.62 21.14 10.58
C GLU D 104 -22.89 20.51 11.16
N GLU D 105 -23.99 20.61 10.42
CA GLU D 105 -25.23 19.98 10.90
C GLU D 105 -25.10 18.45 10.90
N TYR D 106 -24.50 17.91 9.85
CA TYR D 106 -24.26 16.48 9.74
C TYR D 106 -23.44 15.95 10.91
N ALA D 107 -22.33 16.64 11.17
CA ALA D 107 -21.43 16.28 12.27
C ALA D 107 -22.15 16.38 13.60
N LYS D 108 -22.92 17.46 13.78
CA LYS D 108 -23.73 17.64 14.98
C LYS D 108 -24.63 16.44 15.24
N ASN D 109 -25.45 16.09 14.25
CA ASN D 109 -26.36 14.94 14.38
C ASN D 109 -25.62 13.65 14.69
N LEU D 110 -24.53 13.39 13.98
CA LEU D 110 -23.74 12.17 14.21
C LEU D 110 -23.23 12.14 15.65
N ALA D 111 -22.80 13.31 16.14
CA ALA D 111 -22.29 13.42 17.50
C ALA D 111 -23.37 13.10 18.52
N LYS D 112 -24.55 13.69 18.32
CA LYS D 112 -25.67 13.44 19.23
C LYS D 112 -26.06 11.97 19.24
N LEU D 113 -26.04 11.34 18.07
CA LEU D 113 -26.39 9.92 17.97
C LEU D 113 -25.34 9.04 18.63
N SER D 114 -24.08 9.45 18.54
CA SER D 114 -23.00 8.70 19.18
C SER D 114 -23.18 8.70 20.70
N GLN D 115 -23.88 9.70 21.21
CA GLN D 115 -24.14 9.81 22.64
C GLN D 115 -25.36 9.00 23.10
N ASN D 116 -26.08 8.41 22.15
CA ASN D 116 -27.28 7.64 22.47
C ASN D 116 -26.93 6.39 23.29
N SER D 117 -27.80 6.06 24.25
CA SER D 117 -27.55 4.93 25.14
C SER D 117 -28.29 3.66 24.73
N LEU D 118 -28.73 3.60 23.48
CA LEU D 118 -29.45 2.42 23.00
C LEU D 118 -28.58 1.16 23.04
N ALA D 119 -29.14 0.09 23.58
CA ALA D 119 -28.46 -1.21 23.66
C ALA D 119 -27.12 -1.13 24.39
N ALA D 120 -27.00 -0.17 25.30
CA ALA D 120 -25.78 0.02 26.07
C ALA D 120 -25.56 -1.11 27.07
N GLN D 121 -26.63 -1.85 27.36
CA GLN D 121 -26.57 -2.90 28.37
C GLN D 121 -26.24 -4.26 27.76
N GLU D 122 -25.92 -4.27 26.46
CA GLU D 122 -25.42 -5.48 25.83
C GLU D 122 -24.01 -5.73 26.36
N GLU D 123 -23.77 -6.95 26.83
CA GLU D 123 -22.51 -7.25 27.52
C GLU D 123 -21.63 -8.21 26.73
N GLY D 124 -20.38 -8.33 27.16
CA GLY D 124 -19.41 -9.19 26.52
C GLY D 124 -18.71 -8.51 25.36
N SER D 125 -18.05 -9.34 24.54
CA SER D 125 -17.31 -8.86 23.37
C SER D 125 -18.25 -8.22 22.37
N LEU D 126 -19.48 -8.73 22.32
CA LEU D 126 -20.51 -8.15 21.47
C LEU D 126 -20.80 -6.72 21.92
N GLY D 127 -21.00 -6.55 23.23
CA GLY D 127 -21.20 -5.25 23.82
C GLY D 127 -20.06 -4.30 23.52
N GLU D 128 -18.84 -4.84 23.55
CA GLU D 128 -17.65 -4.05 23.26
C GLU D 128 -17.68 -3.57 21.82
N ALA D 129 -18.04 -4.47 20.91
CA ALA D 129 -18.12 -4.13 19.48
C ALA D 129 -19.19 -3.06 19.21
N TRP D 130 -20.33 -3.19 19.87
CA TRP D 130 -21.41 -2.21 19.74
C TRP D 130 -20.98 -0.82 20.24
N ALA D 131 -20.44 -0.79 21.45
CA ALA D 131 -19.88 0.43 22.03
C ALA D 131 -18.90 1.07 21.06
N GLN D 132 -18.07 0.24 20.44
CA GLN D 132 -17.08 0.72 19.49
C GLN D 132 -17.73 1.26 18.23
N VAL D 133 -18.87 0.68 17.84
CA VAL D 133 -19.64 1.22 16.72
C VAL D 133 -20.04 2.66 17.02
N LYS D 134 -20.58 2.87 18.22
CA LYS D 134 -20.98 4.22 18.63
C LYS D 134 -19.79 5.18 18.64
N LYS D 135 -18.69 4.70 19.20
CA LYS D 135 -17.48 5.50 19.29
C LYS D 135 -17.02 5.89 17.89
N SER D 136 -17.15 4.94 16.96
CA SER D 136 -16.80 5.18 15.56
C SER D 136 -17.69 6.26 14.95
N LEU D 137 -18.95 6.30 15.36
CA LEU D 137 -19.82 7.40 14.95
C LEU D 137 -19.28 8.74 15.42
N ALA D 138 -18.86 8.79 16.68
CA ALA D 138 -18.27 10.01 17.21
C ALA D 138 -17.05 10.45 16.38
N ASP D 139 -16.22 9.48 16.01
CA ASP D 139 -15.03 9.76 15.20
C ASP D 139 -15.41 10.31 13.82
N GLU D 140 -16.41 9.70 13.18
CA GLU D 140 -16.92 10.21 11.90
C GLU D 140 -17.34 11.66 12.03
N ALA D 141 -18.08 11.96 13.08
CA ALA D 141 -18.56 13.33 13.32
C ALA D 141 -17.41 14.32 13.42
N GLU D 142 -16.41 14.00 14.26
CA GLU D 142 -15.27 14.91 14.39
C GLU D 142 -14.53 15.07 13.06
N VAL D 143 -14.40 13.97 12.31
CA VAL D 143 -13.74 14.01 11.01
C VAL D 143 -14.44 15.01 10.09
N HIS D 144 -15.75 14.92 9.98
CA HIS D 144 -16.48 15.83 9.12
C HIS D 144 -16.40 17.28 9.60
N LEU D 145 -16.41 17.47 10.91
CA LEU D 145 -16.27 18.82 11.47
C LEU D 145 -14.93 19.45 11.07
N LYS D 146 -13.85 18.71 11.27
CA LYS D 146 -12.52 19.18 10.87
C LYS D 146 -12.47 19.45 9.37
N PHE D 147 -13.17 18.62 8.60
CA PHE D 147 -13.30 18.86 7.16
C PHE D 147 -13.88 20.23 6.88
N SER D 148 -14.97 20.56 7.57
CA SER D 148 -15.63 21.84 7.36
C SER D 148 -14.74 23.01 7.77
N ALA D 149 -14.05 22.85 8.90
CA ALA D 149 -13.09 23.86 9.36
C ALA D 149 -12.02 24.14 8.32
N LYS D 150 -11.45 23.06 7.79
CA LYS D 150 -10.42 23.19 6.76
C LYS D 150 -10.98 23.81 5.49
N LEU D 151 -12.24 23.51 5.18
CA LEU D 151 -12.93 24.20 4.09
C LEU D 151 -12.95 25.70 4.32
N HIS D 152 -13.25 26.11 5.56
CA HIS D 152 -13.27 27.53 5.90
C HIS D 152 -11.90 28.20 5.73
N SER D 153 -10.89 27.64 6.37
CA SER D 153 -9.56 28.24 6.36
C SER D 153 -8.89 28.22 4.98
N GLU D 154 -9.01 27.09 4.28
CA GLU D 154 -8.20 26.86 3.09
C GLU D 154 -8.90 27.08 1.75
N VAL D 155 -10.22 27.30 1.78
CA VAL D 155 -10.97 27.44 0.54
C VAL D 155 -11.88 28.67 0.54
N GLU D 156 -12.78 28.75 1.51
CA GLU D 156 -13.77 29.82 1.55
C GLU D 156 -13.10 31.18 1.73
N LYS D 157 -12.31 31.32 2.79
CA LYS D 157 -11.63 32.57 3.09
C LYS D 157 -10.63 32.98 1.99
N PRO D 158 -9.80 32.04 1.49
CA PRO D 158 -8.93 32.45 0.38
C PRO D 158 -9.69 32.94 -0.84
N LEU D 159 -10.78 32.27 -1.20
CA LEU D 159 -11.62 32.70 -2.31
C LEU D 159 -12.22 34.09 -2.10
N ASN D 161 -11.71 36.68 0.68
CA ASN D 161 -10.76 37.71 1.09
C ASN D 161 -9.63 38.01 0.09
N PHE D 162 -9.80 37.59 -1.16
CA PHE D 162 -8.78 37.78 -2.18
C PHE D 162 -8.90 39.13 -2.88
N ARG D 163 -7.86 39.95 -2.73
CA ARG D 163 -7.76 41.28 -3.36
C ARG D 163 -8.92 42.22 -3.02
N GLU D 164 -8.94 42.64 -1.75
CA GLU D 164 -10.00 43.49 -1.16
C GLU D 164 -10.09 44.95 -1.63
N ASN D 165 -8.94 45.54 -1.98
CA ASN D 165 -8.84 46.98 -2.26
C ASN D 165 -9.23 47.39 -3.66
N PHE D 166 -9.89 46.48 -4.39
CA PHE D 166 -10.37 46.73 -5.77
C PHE D 166 -11.47 47.77 -5.89
N LYS D 167 -12.27 47.89 -4.81
CA LYS D 167 -13.50 48.70 -4.80
C LYS D 167 -13.32 50.08 -5.39
N LYS D 168 -12.26 50.77 -4.98
CA LYS D 168 -11.98 52.10 -5.48
C LYS D 168 -10.84 52.10 -6.48
N ASP D 169 -9.98 51.09 -6.42
CA ASP D 169 -8.86 51.03 -7.35
C ASP D 169 -9.34 50.97 -8.80
N LYS D 171 -12.13 52.34 -9.81
CA LYS D 171 -12.57 53.72 -10.01
C LYS D 171 -11.41 54.61 -10.40
N LYS D 172 -10.31 54.51 -9.67
CA LYS D 172 -9.07 55.25 -9.96
C LYS D 172 -8.51 54.99 -11.34
N CYS D 173 -8.26 53.72 -11.65
CA CYS D 173 -7.74 53.35 -12.97
C CYS D 173 -8.62 53.91 -14.09
N ASP D 174 -9.92 53.67 -13.96
CA ASP D 174 -10.92 54.16 -14.90
C ASP D 174 -10.76 55.66 -15.08
N HIS D 175 -10.82 56.40 -13.97
CA HIS D 175 -10.74 57.85 -13.98
C HIS D 175 -9.48 58.33 -14.71
N HIS D 176 -8.38 57.63 -14.48
CA HIS D 176 -7.10 57.90 -15.13
C HIS D 176 -7.24 57.85 -16.65
N ILE D 177 -7.56 56.66 -17.16
CA ILE D 177 -7.68 56.49 -18.60
C ILE D 177 -8.68 57.48 -19.21
N ALA D 178 -9.79 57.68 -18.50
CA ALA D 178 -10.85 58.57 -18.94
C ALA D 178 -10.31 59.99 -19.13
N ASP D 179 -9.53 60.46 -18.16
CA ASP D 179 -8.95 61.80 -18.23
C ASP D 179 -8.00 61.90 -19.42
N LEU D 180 -7.21 60.84 -19.64
CA LEU D 180 -6.34 60.84 -20.80
C LEU D 180 -7.13 61.00 -22.10
N ARG D 181 -8.25 60.27 -22.20
CA ARG D 181 -9.11 60.40 -23.37
C ARG D 181 -9.70 61.79 -23.52
N LYS D 182 -10.05 62.42 -22.39
CA LYS D 182 -10.53 63.79 -22.44
C LYS D 182 -9.47 64.72 -23.02
N GLN D 183 -8.25 64.62 -22.50
CA GLN D 183 -7.13 65.43 -22.99
C GLN D 183 -6.96 65.24 -24.50
N LEU D 184 -7.02 63.98 -24.90
CA LEU D 184 -6.88 63.59 -26.30
C LEU D 184 -7.95 64.29 -27.15
N ALA D 185 -9.18 64.25 -26.67
CA ALA D 185 -10.31 64.91 -27.34
C ALA D 185 -10.05 66.41 -27.48
N SER D 186 -9.59 67.03 -26.40
CA SER D 186 -9.25 68.45 -26.41
C SER D 186 -8.26 68.76 -27.52
N ARG D 187 -7.19 67.96 -27.59
CA ARG D 187 -6.18 68.13 -28.63
C ARG D 187 -6.82 68.05 -30.02
N TYR D 188 -7.75 67.10 -30.19
CA TYR D 188 -8.48 67.00 -31.44
C TYR D 188 -9.23 68.28 -31.77
N ALA D 189 -9.90 68.84 -30.76
CA ALA D 189 -10.64 70.08 -30.93
C ALA D 189 -9.71 71.18 -31.44
N SER D 190 -8.58 71.33 -30.77
CA SER D 190 -7.59 72.33 -31.17
C SER D 190 -7.18 72.13 -32.61
N VAL D 191 -6.92 70.87 -32.98
CA VAL D 191 -6.54 70.54 -34.35
C VAL D 191 -7.60 71.00 -35.35
N GLU D 192 -8.86 70.70 -35.06
CA GLU D 192 -9.94 71.08 -35.96
C GLU D 192 -10.07 72.59 -36.10
N LYS D 193 -9.97 73.31 -34.99
CA LYS D 193 -9.98 74.76 -35.05
C LYS D 193 -8.85 75.26 -35.95
N ALA D 194 -7.68 74.65 -35.81
CA ALA D 194 -6.53 75.03 -36.62
C ALA D 194 -6.80 74.82 -38.11
N ARG D 195 -7.43 73.69 -38.46
CA ARG D 195 -7.78 73.43 -39.86
C ARG D 195 -8.76 74.48 -40.39
N LYS D 196 -9.74 74.82 -39.56
CA LYS D 196 -10.71 75.85 -39.89
C LYS D 196 -9.99 77.14 -40.25
N ALA D 197 -9.16 77.60 -39.31
CA ALA D 197 -8.38 78.83 -39.48
C ALA D 197 -7.57 78.77 -40.77
N LEU D 198 -7.02 77.59 -41.05
CA LEU D 198 -6.21 77.38 -42.24
C LEU D 198 -7.04 77.66 -43.47
N THR D 199 -8.19 77.00 -43.59
CA THR D 199 -9.03 77.15 -44.77
C THR D 199 -9.45 78.61 -44.94
N GLU D 200 -9.69 79.27 -43.82
CA GLU D 200 -10.05 80.69 -43.83
C GLU D 200 -8.94 81.53 -44.47
N ARG D 201 -7.72 81.37 -43.97
CA ARG D 201 -6.57 82.12 -44.47
C ARG D 201 -6.33 81.83 -45.95
N GLN D 202 -6.50 80.55 -46.32
CA GLN D 202 -6.39 80.11 -47.70
C GLN D 202 -7.33 80.90 -48.57
N LYS D 203 -8.58 81.02 -48.12
CA LYS D 203 -9.58 81.81 -48.83
C LYS D 203 -9.15 83.28 -48.94
N ASP D 204 -8.56 83.80 -47.87
CA ASP D 204 -8.10 85.19 -47.86
C ASP D 204 -7.04 85.42 -48.94
N LEU D 205 -6.24 84.39 -49.20
CA LEU D 205 -5.24 84.46 -50.27
C LEU D 205 -5.97 84.37 -51.60
N GLU D 206 -6.95 83.47 -51.63
CA GLU D 206 -7.77 83.16 -52.80
C GLU D 206 -8.51 84.39 -53.30
N LYS D 208 -7.56 87.97 -52.00
CA LYS D 208 -6.65 89.10 -52.04
C LYS D 208 -5.71 89.05 -53.24
N THR D 209 -5.46 87.86 -53.77
CA THR D 209 -4.67 87.78 -55.00
C THR D 209 -5.49 88.25 -56.21
N GLN D 210 -6.81 88.10 -56.12
CA GLN D 210 -7.71 88.58 -57.18
C GLN D 210 -7.92 90.08 -57.18
N GLN D 211 -7.96 90.70 -56.00
CA GLN D 211 -8.08 92.17 -55.95
C GLN D 211 -6.90 92.87 -56.62
N LEU D 212 -5.75 92.21 -56.68
CA LEU D 212 -4.58 92.77 -57.33
C LEU D 212 -4.68 92.78 -58.86
N GLU D 213 -5.36 91.79 -59.44
CA GLU D 213 -5.52 91.76 -60.90
C GLU D 213 -6.43 92.88 -61.40
N ILE D 214 -7.44 93.24 -60.60
CA ILE D 214 -8.32 94.34 -60.93
C ILE D 214 -7.88 95.60 -60.18
N LYS D 215 -8.54 96.73 -60.46
CA LYS D 215 -8.30 97.99 -59.76
C LYS D 215 -6.83 98.39 -59.58
N LEU D 216 -6.06 97.52 -58.91
CA LEU D 216 -4.61 97.65 -58.78
C LEU D 216 -4.19 98.74 -57.80
N SER D 217 -3.09 98.46 -57.10
CA SER D 217 -2.54 99.28 -56.03
C SER D 217 -1.42 98.43 -55.44
N ASN D 218 -0.30 99.08 -55.11
CA ASN D 218 0.89 98.37 -54.68
C ASN D 218 0.79 98.09 -53.18
N LYS D 219 -0.22 98.69 -52.58
CA LYS D 219 -0.54 98.43 -51.19
C LYS D 219 -1.24 97.07 -51.13
N THR D 220 -1.87 96.67 -52.23
CA THR D 220 -2.52 95.36 -52.33
C THR D 220 -1.49 94.25 -52.54
N GLU D 221 -0.47 94.54 -53.34
CA GLU D 221 0.55 93.56 -53.66
C GLU D 221 1.23 93.10 -52.37
N GLU D 222 1.43 94.03 -51.46
CA GLU D 222 2.00 93.72 -50.15
C GLU D 222 0.94 93.00 -49.28
N ASP D 223 -0.34 93.17 -49.63
CA ASP D 223 -1.40 92.41 -48.96
C ASP D 223 -1.23 90.94 -49.33
N ILE D 224 -0.61 90.68 -50.47
CA ILE D 224 -0.23 89.30 -50.81
C ILE D 224 0.91 88.84 -49.88
N LYS D 225 1.74 89.78 -49.44
CA LYS D 225 2.80 89.44 -48.49
C LYS D 225 2.21 89.08 -47.13
N LYS D 226 1.32 89.93 -46.63
CA LYS D 226 0.64 89.67 -45.36
C LYS D 226 -0.17 88.37 -45.46
N ALA D 227 -0.79 88.14 -46.60
CA ALA D 227 -1.58 86.93 -46.81
C ALA D 227 -0.72 85.68 -46.77
N ARG D 228 0.42 85.71 -47.47
CA ARG D 228 1.34 84.59 -47.48
C ARG D 228 1.89 84.30 -46.09
N ARG D 229 2.36 85.35 -45.41
CA ARG D 229 2.87 85.21 -44.04
C ARG D 229 1.82 84.57 -43.14
N LYS D 230 0.65 85.21 -43.05
CA LYS D 230 -0.43 84.71 -42.19
C LYS D 230 -0.91 83.29 -42.53
N SER D 231 -0.92 82.95 -43.81
CA SER D 231 -1.36 81.63 -44.26
C SER D 231 -0.37 80.54 -43.84
N THR D 232 0.90 80.75 -44.17
CA THR D 232 1.95 79.81 -43.79
C THR D 232 2.02 79.70 -42.27
N GLN D 233 1.73 80.81 -41.60
CA GLN D 233 1.64 80.88 -40.14
C GLN D 233 0.57 79.91 -39.65
N ALA D 234 -0.59 79.97 -40.31
CA ALA D 234 -1.68 79.05 -39.99
C ALA D 234 -1.26 77.61 -40.22
N GLY D 235 -0.46 77.39 -41.25
CA GLY D 235 0.03 76.05 -41.54
C GLY D 235 0.95 75.48 -40.46
N ASP D 236 1.85 76.32 -39.94
CA ASP D 236 2.74 75.89 -38.88
C ASP D 236 1.97 75.67 -37.58
N ASP D 237 0.99 76.54 -37.32
CA ASP D 237 0.11 76.38 -36.17
C ASP D 237 -0.60 75.03 -36.23
N LEU D 238 -1.10 74.70 -37.42
CA LEU D 238 -1.72 73.40 -37.66
C LEU D 238 -0.76 72.26 -37.35
N ARG D 240 1.85 72.20 -35.37
CA ARG D 240 2.02 72.08 -33.93
C ARG D 240 0.84 71.42 -33.25
N CYS D 241 -0.37 71.91 -33.52
CA CYS D 241 -1.57 71.35 -32.90
C CYS D 241 -1.66 69.85 -33.16
N VAL D 242 -1.32 69.44 -34.38
CA VAL D 242 -1.30 68.02 -34.75
C VAL D 242 -0.26 67.28 -33.92
N ASP D 243 0.92 67.87 -33.76
CA ASP D 243 1.97 67.26 -32.95
C ASP D 243 1.49 67.02 -31.52
N LEU D 244 0.86 68.02 -30.93
CA LEU D 244 0.36 67.92 -29.56
C LEU D 244 -0.72 66.85 -29.46
N TYR D 245 -1.50 66.74 -30.53
CA TYR D 245 -2.52 65.69 -30.59
C TYR D 245 -1.84 64.32 -30.53
N ASN D 246 -0.85 64.11 -31.41
CA ASN D 246 -0.12 62.86 -31.47
C ASN D 246 0.51 62.49 -30.14
N GLN D 247 1.04 63.49 -29.44
CA GLN D 247 1.60 63.25 -28.11
C GLN D 247 0.53 62.77 -27.14
N ALA D 248 -0.61 63.45 -27.12
CA ALA D 248 -1.72 63.04 -26.25
C ALA D 248 -2.15 61.59 -26.54
N GLN D 249 -2.28 61.27 -27.83
CA GLN D 249 -2.69 59.94 -28.24
C GLN D 249 -1.67 58.88 -27.89
N SER D 250 -0.39 59.24 -27.93
CA SER D 250 0.68 58.32 -27.57
C SER D 250 0.71 58.04 -26.07
N LYS D 251 0.48 59.09 -25.29
CA LYS D 251 0.39 58.97 -23.84
C LYS D 251 -0.73 58.00 -23.49
N TRP D 252 -1.91 58.33 -24.01
CA TRP D 252 -3.08 57.47 -23.88
C TRP D 252 -2.79 56.05 -24.34
N PHE D 253 -2.03 55.93 -25.42
CA PHE D 253 -1.72 54.64 -26.03
C PHE D 253 -0.90 53.74 -25.12
N GLU D 254 0.30 54.20 -24.74
CA GLU D 254 1.17 53.39 -23.89
C GLU D 254 0.50 53.09 -22.55
N GLU D 255 -0.17 54.10 -22.00
CA GLU D 255 -0.87 53.93 -20.72
C GLU D 255 -1.87 52.79 -20.86
N VAL D 257 -2.01 50.41 -23.10
CA VAL D 257 -1.33 49.14 -23.33
C VAL D 257 -0.92 48.47 -22.03
N THR D 258 -0.13 49.19 -21.23
CA THR D 258 0.36 48.63 -19.99
C THR D 258 -0.79 48.23 -19.07
N THR D 259 -1.82 49.06 -18.99
CA THR D 259 -2.96 48.77 -18.11
C THR D 259 -3.74 47.53 -18.57
N THR D 260 -3.99 47.42 -19.87
CA THR D 260 -4.72 46.26 -20.40
C THR D 260 -3.92 44.98 -20.22
N LEU D 261 -2.61 45.06 -20.37
CA LEU D 261 -1.77 43.89 -20.14
C LEU D 261 -1.84 43.49 -18.67
N GLU D 262 -1.82 44.49 -17.79
CA GLU D 262 -1.99 44.25 -16.36
C GLU D 262 -3.30 43.54 -16.06
N LEU D 263 -4.39 44.01 -16.64
CA LEU D 263 -5.70 43.40 -16.45
C LEU D 263 -5.72 41.95 -16.96
N GLU D 264 -5.05 41.71 -18.09
CA GLU D 264 -4.95 40.36 -18.62
C GLU D 264 -4.26 39.43 -17.63
N ARG D 265 -3.11 39.88 -17.15
CA ARG D 265 -2.34 39.14 -16.17
C ARG D 265 -3.19 38.84 -14.93
N LEU D 266 -3.88 39.86 -14.45
CA LEU D 266 -4.73 39.76 -13.27
C LEU D 266 -5.83 38.72 -13.45
N GLU D 267 -6.48 38.74 -14.63
CA GLU D 267 -7.51 37.75 -14.92
C GLU D 267 -6.91 36.35 -14.93
N VAL D 268 -5.74 36.21 -15.54
CA VAL D 268 -5.04 34.93 -15.59
C VAL D 268 -4.79 34.38 -14.18
N GLU D 269 -4.18 35.18 -13.32
CA GLU D 269 -3.86 34.71 -11.97
C GLU D 269 -5.11 34.49 -11.14
N ARG D 270 -6.18 35.24 -11.43
CA ARG D 270 -7.46 34.97 -10.79
C ARG D 270 -7.91 33.55 -11.10
N VAL D 271 -8.00 33.24 -12.39
CA VAL D 271 -8.39 31.91 -12.83
C VAL D 271 -7.49 30.83 -12.23
N GLU D 272 -6.20 31.12 -12.20
CA GLU D 272 -5.21 30.19 -11.65
C GLU D 272 -5.47 29.89 -10.18
N ILE D 274 -8.22 30.33 -8.49
CA ILE D 274 -9.51 29.67 -8.32
C ILE D 274 -9.37 28.17 -8.59
N ARG D 275 -8.71 27.83 -9.69
CA ARG D 275 -8.42 26.44 -10.00
C ARG D 275 -7.67 25.77 -8.86
N GLN D 276 -6.65 26.46 -8.36
CA GLN D 276 -5.82 25.97 -7.27
C GLN D 276 -6.68 25.58 -6.07
N HIS D 277 -7.55 26.50 -5.65
CA HIS D 277 -8.35 26.28 -4.45
C HIS D 277 -9.47 25.26 -4.67
N LEU D 278 -9.91 25.11 -5.92
CA LEU D 278 -10.89 24.07 -6.21
C LEU D 278 -10.23 22.69 -6.16
N CYS D 279 -8.99 22.61 -6.64
CA CYS D 279 -8.19 21.40 -6.50
C CYS D 279 -7.98 21.09 -5.03
N GLN D 280 -7.78 22.16 -4.26
CA GLN D 280 -7.67 22.05 -2.80
C GLN D 280 -8.92 21.40 -2.23
N TYR D 281 -10.08 21.93 -2.62
CA TYR D 281 -11.36 21.35 -2.22
C TYR D 281 -11.45 19.86 -2.54
N THR D 282 -11.09 19.49 -3.77
CA THR D 282 -11.14 18.09 -4.18
C THR D 282 -10.23 17.20 -3.31
N GLN D 283 -9.01 17.66 -3.09
CA GLN D 283 -8.05 16.93 -2.28
C GLN D 283 -8.59 16.72 -0.87
N LEU D 284 -9.17 17.76 -0.29
CA LEU D 284 -9.77 17.67 1.04
C LEU D 284 -10.90 16.66 1.07
N ARG D 285 -11.76 16.68 0.05
CA ARG D 285 -12.86 15.71 -0.05
C ARG D 285 -12.32 14.29 -0.04
N HIS D 286 -11.37 14.04 -0.93
CA HIS D 286 -10.73 12.74 -1.09
C HIS D 286 -10.18 12.24 0.24
N GLU D 287 -9.31 13.04 0.85
CA GLU D 287 -8.63 12.59 2.06
C GLU D 287 -9.60 12.48 3.24
N THR D 288 -10.66 13.28 3.25
CA THR D 288 -11.66 13.16 4.31
C THR D 288 -12.45 11.87 4.18
N ASP D 289 -12.73 11.46 2.94
CA ASP D 289 -13.44 10.20 2.74
C ASP D 289 -12.55 9.03 3.12
N PHE D 291 -10.07 9.23 5.54
CA PHE D 291 -10.03 9.32 6.99
C PHE D 291 -11.28 8.70 7.59
N ASN D 292 -12.42 9.06 7.01
CA ASN D 292 -13.71 8.58 7.45
C ASN D 292 -13.80 7.07 7.30
N GLN D 293 -13.32 6.55 6.17
CA GLN D 293 -13.31 5.12 5.93
C GLN D 293 -12.47 4.39 6.98
N SER D 294 -11.42 5.04 7.47
CA SER D 294 -10.52 4.41 8.43
C SER D 294 -11.10 4.24 9.85
N THR D 295 -12.33 4.73 10.07
CA THR D 295 -12.90 4.73 11.42
C THR D 295 -13.61 3.43 11.81
N VAL D 296 -13.85 2.56 10.84
CA VAL D 296 -14.54 1.30 11.12
C VAL D 296 -13.57 0.15 11.40
N GLU D 297 -12.28 0.38 11.17
CA GLU D 297 -11.28 -0.64 11.47
C GLU D 297 -11.28 -1.15 12.92
N PRO D 298 -11.44 -0.25 13.91
CA PRO D 298 -11.57 -0.77 15.28
C PRO D 298 -12.80 -1.66 15.44
N VAL D 299 -13.91 -1.24 14.84
CA VAL D 299 -15.15 -2.00 14.88
C VAL D 299 -14.95 -3.39 14.27
N ASP D 300 -14.28 -3.46 13.13
CA ASP D 300 -13.97 -4.74 12.51
C ASP D 300 -13.11 -5.62 13.42
N GLN D 301 -12.08 -5.01 13.99
CA GLN D 301 -11.16 -5.73 14.87
C GLN D 301 -11.90 -6.34 16.03
N LEU D 302 -12.86 -5.59 16.59
CA LEU D 302 -13.64 -6.09 17.71
C LEU D 302 -14.67 -7.14 17.27
N LEU D 303 -15.23 -6.97 16.08
CA LEU D 303 -16.21 -7.92 15.55
C LEU D 303 -15.59 -9.28 15.31
N ARG D 304 -14.32 -9.29 14.91
CA ARG D 304 -13.61 -10.56 14.72
C ARG D 304 -13.35 -11.24 16.06
N LYS D 305 -13.20 -10.45 17.11
CA LYS D 305 -12.92 -10.98 18.44
C LYS D 305 -14.19 -11.40 19.20
N VAL D 306 -15.34 -11.30 18.54
CA VAL D 306 -16.59 -11.66 19.18
C VAL D 306 -16.69 -13.18 19.31
N ASP D 307 -16.86 -13.65 20.54
CA ASP D 307 -16.92 -15.07 20.81
C ASP D 307 -18.13 -15.39 21.71
N PRO D 308 -19.11 -16.10 21.15
CA PRO D 308 -20.34 -16.51 21.87
C PRO D 308 -20.03 -17.36 23.10
N ALA D 309 -19.10 -18.30 22.97
CA ALA D 309 -18.75 -19.18 24.07
C ALA D 309 -18.18 -18.41 25.26
N LYS D 310 -17.23 -17.52 24.98
CA LYS D 310 -16.60 -16.72 26.03
C LYS D 310 -17.61 -15.82 26.71
N ASP D 311 -18.49 -15.22 25.91
CA ASP D 311 -19.57 -14.39 26.40
C ASP D 311 -20.44 -15.15 27.39
N ARG D 312 -20.94 -16.29 26.93
CA ARG D 312 -21.78 -17.17 27.73
C ARG D 312 -21.10 -17.58 29.04
N GLU D 313 -19.88 -18.08 28.95
CA GLU D 313 -19.16 -18.52 30.15
C GLU D 313 -18.97 -17.38 31.14
N LEU D 314 -18.65 -16.19 30.64
CA LEU D 314 -18.51 -15.02 31.51
C LEU D 314 -19.83 -14.73 32.22
N TRP D 315 -20.92 -14.77 31.46
CA TRP D 315 -22.24 -14.45 31.99
C TRP D 315 -22.67 -15.47 33.04
N VAL D 316 -22.45 -16.75 32.76
CA VAL D 316 -22.82 -17.82 33.67
C VAL D 316 -21.96 -17.71 34.93
N ARG D 317 -20.70 -17.35 34.74
CA ARG D 317 -19.78 -17.15 35.88
C ARG D 317 -20.29 -16.05 36.81
N GLU D 318 -20.89 -15.00 36.26
CA GLU D 318 -21.39 -13.94 37.13
C GLU D 318 -22.84 -14.12 37.59
N HIS D 319 -23.59 -15.01 36.94
CA HIS D 319 -25.03 -15.14 37.23
C HIS D 319 -25.48 -16.53 37.68
N LYS D 320 -24.54 -17.44 37.94
CA LYS D 320 -24.88 -18.78 38.40
C LYS D 320 -25.63 -18.77 39.73
N THR D 321 -26.49 -19.76 39.94
CA THR D 321 -27.22 -19.91 41.19
C THR D 321 -26.59 -20.99 42.08
N GLY D 322 -25.71 -21.79 41.49
CA GLY D 322 -25.04 -22.87 42.21
C GLY D 322 -24.71 -24.00 41.26
N ASN D 323 -23.72 -24.81 41.62
CA ASN D 323 -23.19 -25.83 40.72
C ASN D 323 -23.53 -27.26 41.13
N ILE D 324 -24.55 -27.40 41.98
CA ILE D 324 -24.98 -28.72 42.45
C ILE D 324 -26.23 -29.22 41.74
N ARG D 325 -26.25 -30.49 41.37
CA ARG D 325 -27.42 -31.08 40.72
C ARG D 325 -28.38 -31.61 41.78
N PRO D 326 -29.67 -31.65 41.45
CA PRO D 326 -30.64 -32.26 42.37
C PRO D 326 -30.43 -33.77 42.50
N VAL D 327 -30.92 -34.34 43.58
CA VAL D 327 -30.86 -35.79 43.81
C VAL D 327 -32.20 -36.27 44.35
N ASP D 328 -32.33 -37.57 44.55
CA ASP D 328 -33.58 -38.16 45.01
C ASP D 328 -33.79 -38.01 46.51
N GLU D 330 -35.26 -40.20 49.79
CA GLU D 330 -35.20 -39.39 51.01
C GLU D 330 -33.87 -38.66 51.19
#